data_5N4F
#
_entry.id   5N4F
#
_cell.length_a   90.890
_cell.length_b   105.620
_cell.length_c   86.960
_cell.angle_alpha   90.00
_cell.angle_beta   90.00
_cell.angle_gamma   90.00
#
_symmetry.space_group_name_H-M   'P 21 21 2'
#
loop_
_entity.id
_entity.type
_entity.pdbx_description
1 polymer 'Prolyl oligopeptidase'
2 non-polymer GLYCEROL
3 water water
#
_entity_poly.entity_id   1
_entity_poly.type   'polypeptide(L)'
_entity_poly.pdbx_seq_one_letter_code
;MSSVTWAPGNYPSTRRSDHVDTYQSASKGEVPVPDPYQWLEESTDEVDKWTTAQADLAQSYLDQNADIQKLAEKFRASRN
YAKFSAPTLLDDGHWYWFYNRGLQSQSVLYRSKEPALPDFSKGDDNVGDVFFDPNVLAADGSAGMVLCKFSPDGKFFAYA
VSHLGGDYSTIYVRSTSSPLSQASVAQGVDGRLSDEVKWFKFSTIIWTKDSKGFLYQRYPARERHEGTRSDRNAMMCYHK
VGTTQEEDIIVYQDNEHPEWIYGADTSEDGKYLYLYQFKDTSKKNLLWVAELDEDGVKSGIHWRKVVNEYAADYNIITNH
GSLVYIKTNLNAPQYKVITIDLSKDEPEIRDFIPEEKDAKLAQVNCANEEYFVAIYKRNVKDEIYLYSKAGVQLTRLAPD
FVGAASIANRQKQTHFFLTLSGFNTPGTIARYDFTAPETQRFSILRTTKVNELDPDDFESTQVWYESKDGTKIPMFIVRH
KSTKFDGTAAAIQYGYGGFATSADPFFSPIILTFLQTYGAIFAVPSIRGGGEFGEEWHKGGRRETKVNTFDDFIAAAQFL
VKNKYAAPGKVAINGASNGGLLVMGSIVRAPEGTFGAAVPEGGVADLLKFHKFTGGQAWISEYGNPSIPEEFDYIYPLSP
VHNVRTDKVMPATLITVNIGDGRVVPMHSFKFIATLQHNVPQNPHPLLIKIDKSWLGHGMGKPTDKNVKDAADKWGFIAR
ALGLELKTVE
;
_entity_poly.pdbx_strand_id   A
#
loop_
_chem_comp.id
_chem_comp.type
_chem_comp.name
_chem_comp.formula
GOL non-polymer GLYCEROL 'C3 H8 O3'
#
# COMPACT_ATOMS: atom_id res chain seq x y z
N ALA A 7 -37.36 16.52 2.59
CA ALA A 7 -37.45 15.69 1.34
C ALA A 7 -37.57 16.52 0.05
N PRO A 8 -36.62 17.46 -0.19
CA PRO A 8 -36.82 18.43 -1.27
C PRO A 8 -36.89 17.82 -2.68
N GLY A 9 -37.50 18.54 -3.60
CA GLY A 9 -37.37 18.27 -5.03
C GLY A 9 -36.37 19.22 -5.69
N ASN A 10 -35.81 20.16 -4.94
CA ASN A 10 -35.00 21.26 -5.51
C ASN A 10 -33.57 20.83 -5.91
N TYR A 11 -33.50 20.03 -6.98
CA TYR A 11 -32.24 19.77 -7.66
C TYR A 11 -32.26 20.57 -8.96
N PRO A 12 -31.10 21.03 -9.45
CA PRO A 12 -31.10 21.75 -10.73
C PRO A 12 -31.55 20.86 -11.87
N SER A 13 -32.21 21.45 -12.86
CA SER A 13 -32.67 20.69 -14.02
C SER A 13 -31.45 20.19 -14.79
N THR A 14 -31.47 18.92 -15.17
CA THR A 14 -30.46 18.33 -16.06
C THR A 14 -31.16 17.99 -17.38
N ARG A 15 -30.73 18.66 -18.45
CA ARG A 15 -31.23 18.37 -19.79
C ARG A 15 -31.10 16.89 -20.15
N ARG A 16 -32.14 16.35 -20.79
CA ARG A 16 -32.16 14.98 -21.28
C ARG A 16 -32.15 15.02 -22.81
N SER A 17 -31.04 14.58 -23.42
CA SER A 17 -30.91 14.53 -24.89
C SER A 17 -31.64 13.32 -25.48
N ASP A 18 -31.64 13.26 -26.81
CA ASP A 18 -32.19 12.12 -27.57
C ASP A 18 -31.13 11.07 -27.96
N HIS A 19 -29.96 11.12 -27.32
CA HIS A 19 -28.84 10.26 -27.67
C HIS A 19 -29.10 8.81 -27.27
N VAL A 20 -28.90 7.92 -28.24
CA VAL A 20 -29.12 6.48 -28.09
C VAL A 20 -27.86 5.75 -28.53
N ASP A 21 -27.29 4.96 -27.61
CA ASP A 21 -26.20 4.03 -27.94
C ASP A 21 -26.76 2.65 -28.23
N THR A 22 -26.09 1.91 -29.10
CA THR A 22 -26.50 0.57 -29.48
C THR A 22 -25.42 -0.41 -29.03
N TYR A 23 -25.86 -1.51 -28.41
CA TYR A 23 -24.98 -2.55 -27.92
C TYR A 23 -25.46 -3.91 -28.47
N GLN A 24 -24.65 -4.95 -28.25
CA GLN A 24 -24.93 -6.29 -28.79
C GLN A 24 -24.96 -7.26 -27.63
N SER A 25 -26.12 -7.88 -27.41
CA SER A 25 -26.33 -8.86 -26.33
C SER A 25 -26.29 -10.26 -26.93
N ALA A 26 -25.60 -11.18 -26.26
CA ALA A 26 -25.55 -12.59 -26.72
C ALA A 26 -26.92 -13.26 -26.64
N SER A 27 -27.69 -12.94 -25.60
CA SER A 27 -29.03 -13.50 -25.42
C SER A 27 -30.13 -12.75 -26.19
N LYS A 28 -30.02 -11.41 -26.24
CA LYS A 28 -31.08 -10.55 -26.81
C LYS A 28 -30.78 -9.93 -28.19
N GLY A 29 -29.56 -10.08 -28.70
CA GLY A 29 -29.18 -9.43 -29.96
C GLY A 29 -28.94 -7.94 -29.77
N GLU A 30 -29.37 -7.14 -30.75
CA GLU A 30 -29.20 -5.70 -30.70
C GLU A 30 -30.06 -5.11 -29.61
N VAL A 31 -29.46 -4.23 -28.79
CA VAL A 31 -30.15 -3.56 -27.69
C VAL A 31 -29.88 -2.05 -27.77
N PRO A 32 -30.89 -1.25 -28.16
CA PRO A 32 -30.76 0.21 -28.05
C PRO A 32 -30.91 0.71 -26.60
N VAL A 33 -29.89 1.41 -26.12
CA VAL A 33 -29.85 1.96 -24.76
C VAL A 33 -29.91 3.49 -24.87
N PRO A 34 -31.05 4.10 -24.47
CA PRO A 34 -31.10 5.56 -24.35
C PRO A 34 -30.06 6.08 -23.36
N ASP A 35 -29.34 7.13 -23.73
CA ASP A 35 -28.33 7.74 -22.86
C ASP A 35 -28.51 9.26 -22.86
N PRO A 36 -29.58 9.73 -22.17
CA PRO A 36 -29.95 11.15 -22.22
C PRO A 36 -28.94 12.12 -21.59
N TYR A 37 -28.04 11.63 -20.72
CA TYR A 37 -26.99 12.47 -20.11
C TYR A 37 -25.60 12.23 -20.74
N GLN A 38 -25.60 11.69 -21.96
CA GLN A 38 -24.38 11.54 -22.78
C GLN A 38 -23.59 12.85 -22.91
N TRP A 39 -24.30 13.95 -23.13
CA TRP A 39 -23.67 15.28 -23.21
C TRP A 39 -22.79 15.70 -22.02
N LEU A 40 -23.05 15.14 -20.83
CA LEU A 40 -22.17 15.31 -19.67
C LEU A 40 -20.77 14.67 -19.84
N GLU A 41 -20.58 13.84 -20.87
CA GLU A 41 -19.26 13.33 -21.24
C GLU A 41 -18.33 14.41 -21.78
N GLU A 42 -18.88 15.52 -22.25
CA GLU A 42 -18.15 16.52 -23.03
C GLU A 42 -17.69 17.69 -22.17
N SER A 43 -16.65 18.38 -22.63
CA SER A 43 -16.12 19.57 -21.96
C SER A 43 -16.70 20.78 -22.65
N THR A 44 -17.75 21.34 -22.06
CA THR A 44 -18.42 22.52 -22.62
C THR A 44 -18.89 23.43 -21.49
N ASP A 45 -19.18 24.68 -21.83
CA ASP A 45 -19.79 25.64 -20.91
C ASP A 45 -21.06 25.12 -20.27
N GLU A 46 -21.91 24.50 -21.09
CA GLU A 46 -23.14 23.86 -20.62
C GLU A 46 -22.87 22.91 -19.45
N VAL A 47 -21.86 22.06 -19.61
CA VAL A 47 -21.43 21.13 -18.57
C VAL A 47 -20.80 21.88 -17.38
N ASP A 48 -19.92 22.83 -17.67
CA ASP A 48 -19.31 23.65 -16.63
C ASP A 48 -20.34 24.42 -15.79
N LYS A 49 -21.37 24.98 -16.43
CA LYS A 49 -22.44 25.67 -15.72
C LYS A 49 -23.32 24.70 -14.89
N TRP A 50 -23.69 23.56 -15.48
CA TRP A 50 -24.41 22.51 -14.75
C TRP A 50 -23.61 22.00 -13.54
N THR A 51 -22.30 21.87 -13.70
CA THR A 51 -21.40 21.46 -12.61
C THR A 51 -21.39 22.49 -11.46
N THR A 52 -21.32 23.78 -11.81
CA THR A 52 -21.41 24.88 -10.85
C THR A 52 -22.74 24.90 -10.09
N ALA A 53 -23.85 24.72 -10.80
CA ALA A 53 -25.17 24.65 -10.16
C ALA A 53 -25.28 23.49 -9.17
N GLN A 54 -24.78 22.33 -9.55
CA GLN A 54 -24.77 21.17 -8.65
C GLN A 54 -23.85 21.39 -7.45
N ALA A 55 -22.66 21.93 -7.72
CA ALA A 55 -21.67 22.24 -6.67
C ALA A 55 -22.20 23.23 -5.65
N ASP A 56 -22.84 24.29 -6.14
CA ASP A 56 -23.44 25.33 -5.28
C ASP A 56 -24.57 24.77 -4.40
N LEU A 57 -25.42 23.91 -4.98
CA LEU A 57 -26.44 23.21 -4.19
C LEU A 57 -25.80 22.41 -3.07
N ALA A 58 -24.79 21.63 -3.43
CA ALA A 58 -24.09 20.78 -2.47
C ALA A 58 -23.51 21.60 -1.33
N GLN A 59 -22.87 22.72 -1.65
CA GLN A 59 -22.29 23.61 -0.63
C GLN A 59 -23.36 24.28 0.24
N SER A 60 -24.50 24.65 -0.35
CA SER A 60 -25.62 25.22 0.43
C SER A 60 -26.12 24.28 1.52
N TYR A 61 -26.18 22.98 1.22
CA TYR A 61 -26.60 21.98 2.21
C TYR A 61 -25.54 21.81 3.30
N LEU A 62 -24.28 21.75 2.90
CA LEU A 62 -23.16 21.66 3.85
C LEU A 62 -23.06 22.87 4.79
N ASP A 63 -23.43 24.05 4.30
CA ASP A 63 -23.41 25.28 5.12
C ASP A 63 -24.49 25.35 6.21
N GLN A 64 -25.57 24.56 6.08
CA GLN A 64 -26.55 24.36 7.17
C GLN A 64 -26.05 23.42 8.27
N ASN A 65 -24.95 22.69 8.00
CA ASN A 65 -24.28 21.83 8.99
C ASN A 65 -23.11 22.57 9.64
N ALA A 66 -23.32 23.04 10.87
CA ALA A 66 -22.28 23.74 11.66
C ALA A 66 -21.21 22.80 12.24
N ASP A 67 -21.48 21.49 12.30
CA ASP A 67 -20.47 20.49 12.72
C ASP A 67 -19.32 20.31 11.74
N ILE A 68 -19.50 20.72 10.47
CA ILE A 68 -18.43 20.58 9.44
C ILE A 68 -17.18 21.34 9.89
N GLN A 69 -17.35 22.60 10.28
CA GLN A 69 -16.23 23.43 10.72
C GLN A 69 -15.62 22.95 12.04
N LYS A 70 -16.46 22.37 12.90
CA LYS A 70 -16.00 21.77 14.16
C LYS A 70 -15.18 20.51 13.91
N LEU A 71 -15.66 19.65 13.02
CA LEU A 71 -14.91 18.46 12.60
C LEU A 71 -13.59 18.82 11.95
N ALA A 72 -13.57 19.87 11.14
CA ALA A 72 -12.34 20.32 10.49
C ALA A 72 -11.21 20.63 11.49
N GLU A 73 -11.53 21.33 12.57
CA GLU A 73 -10.53 21.63 13.60
C GLU A 73 -9.97 20.37 14.30
N LYS A 74 -10.82 19.37 14.54
CA LYS A 74 -10.37 18.09 15.11
C LYS A 74 -9.45 17.34 14.15
N PHE A 75 -9.78 17.36 12.86
CA PHE A 75 -8.93 16.78 11.83
C PHE A 75 -7.63 17.55 11.65
N ARG A 76 -7.68 18.87 11.74
CA ARG A 76 -6.47 19.69 11.78
C ARG A 76 -5.54 19.31 12.93
N ALA A 77 -6.13 19.04 14.11
CA ALA A 77 -5.37 18.68 15.29
C ALA A 77 -4.60 17.37 15.16
N SER A 78 -5.25 16.33 14.62
CA SER A 78 -4.66 15.00 14.58
C SER A 78 -3.89 14.70 13.28
N ARG A 79 -3.81 15.67 12.37
CA ARG A 79 -3.25 15.46 11.04
C ARG A 79 -1.76 15.13 11.04
N ASN A 80 -0.97 15.92 11.77
CA ASN A 80 0.48 15.82 11.73
C ASN A 80 1.06 14.91 12.80
N TYR A 81 2.15 14.23 12.45
CA TYR A 81 2.88 13.36 13.36
C TYR A 81 4.20 12.98 12.72
N ALA A 82 5.19 12.66 13.55
CA ALA A 82 6.48 12.24 13.05
C ALA A 82 6.44 10.78 12.60
N LYS A 83 7.30 10.45 11.64
CA LYS A 83 7.52 9.09 11.19
C LYS A 83 8.98 8.72 11.38
N PHE A 84 9.25 7.42 11.42
CA PHE A 84 10.56 6.89 11.76
C PHE A 84 10.73 5.46 11.27
N SER A 85 11.98 5.04 11.11
CA SER A 85 12.33 3.63 10.92
C SER A 85 12.96 3.06 12.19
N ALA A 86 13.11 1.75 12.24
CA ALA A 86 13.89 1.08 13.26
C ALA A 86 15.35 1.46 13.06
N PRO A 87 16.15 1.54 14.13
CA PRO A 87 17.57 1.85 13.98
C PRO A 87 18.45 0.64 13.63
N THR A 88 19.62 0.92 13.06
CA THR A 88 20.63 -0.10 12.78
C THR A 88 21.92 0.25 13.49
N LEU A 89 22.54 -0.74 14.12
CA LEU A 89 23.84 -0.58 14.78
C LEU A 89 24.92 -0.96 13.78
N LEU A 90 25.76 0.01 13.40
CA LEU A 90 26.86 -0.25 12.47
C LEU A 90 28.14 -0.54 13.24
N ASP A 91 29.14 -1.04 12.51
CA ASP A 91 30.42 -1.47 13.09
C ASP A 91 31.23 -0.34 13.75
N ASP A 92 30.90 0.92 13.47
CA ASP A 92 31.46 2.05 14.24
C ASP A 92 30.86 2.19 15.66
N GLY A 93 29.95 1.31 16.06
CA GLY A 93 29.34 1.36 17.38
C GLY A 93 28.18 2.33 17.55
N HIS A 94 27.82 3.05 16.48
CA HIS A 94 26.74 4.03 16.50
C HIS A 94 25.47 3.47 15.83
N TRP A 95 24.33 4.02 16.21
CA TRP A 95 23.02 3.61 15.68
C TRP A 95 22.55 4.63 14.64
N TYR A 96 21.99 4.15 13.53
CA TYR A 96 21.49 5.03 12.46
C TYR A 96 20.03 4.73 12.20
N TRP A 97 19.25 5.76 11.88
CA TRP A 97 17.80 5.60 11.65
C TRP A 97 17.23 6.78 10.89
N PHE A 98 16.13 6.54 10.17
CA PHE A 98 15.37 7.61 9.51
C PHE A 98 14.39 8.28 10.49
N TYR A 99 14.26 9.60 10.36
CA TYR A 99 13.27 10.37 11.12
C TYR A 99 12.69 11.46 10.22
N ASN A 100 11.36 11.54 10.19
CA ASN A 100 10.65 12.60 9.51
C ASN A 100 9.81 13.34 10.55
N ARG A 101 10.15 14.60 10.79
CA ARG A 101 9.42 15.45 11.73
C ARG A 101 7.99 15.85 11.30
N GLY A 102 7.66 15.64 10.02
CA GLY A 102 6.30 15.86 9.51
C GLY A 102 6.11 17.10 8.67
N LEU A 103 7.20 17.73 8.20
CA LEU A 103 7.12 18.92 7.33
C LEU A 103 7.44 18.60 5.87
N GLN A 104 8.67 18.14 5.62
CA GLN A 104 9.19 17.93 4.27
C GLN A 104 8.88 16.52 3.81
N SER A 105 8.92 16.30 2.50
CA SER A 105 8.56 14.99 1.93
C SER A 105 9.60 13.90 2.15
N GLN A 106 10.87 14.27 2.40
CA GLN A 106 11.95 13.30 2.60
C GLN A 106 12.44 13.21 4.03
N SER A 107 12.42 11.99 4.55
CA SER A 107 12.96 11.66 5.86
C SER A 107 14.46 11.89 5.90
N VAL A 108 14.95 12.18 7.10
CA VAL A 108 16.35 12.49 7.32
C VAL A 108 16.97 11.34 8.10
N LEU A 109 18.22 11.03 7.74
CA LEU A 109 18.97 9.97 8.36
C LEU A 109 19.79 10.49 9.55
N TYR A 110 19.52 9.96 10.75
CA TYR A 110 20.19 10.38 11.97
C TYR A 110 21.28 9.40 12.41
N ARG A 111 22.28 9.93 13.12
CA ARG A 111 23.33 9.14 13.75
C ARG A 111 23.26 9.40 15.25
N SER A 112 23.32 8.34 16.07
CA SER A 112 23.33 8.49 17.52
C SER A 112 24.56 9.27 17.98
N LYS A 113 24.37 10.17 18.94
CA LYS A 113 25.46 10.98 19.48
C LYS A 113 26.46 10.10 20.22
N GLU A 114 25.93 9.20 21.04
CA GLU A 114 26.71 8.23 21.80
C GLU A 114 26.73 6.88 21.08
N PRO A 115 27.76 6.05 21.32
CA PRO A 115 27.76 4.68 20.84
C PRO A 115 26.94 3.79 21.77
N ALA A 116 25.61 3.94 21.71
CA ALA A 116 24.69 3.22 22.59
C ALA A 116 23.26 3.41 22.08
N LEU A 117 22.39 2.45 22.41
CA LEU A 117 21.00 2.44 21.93
C LEU A 117 20.23 3.61 22.54
N PRO A 118 19.74 4.57 21.71
CA PRO A 118 19.12 5.75 22.31
C PRO A 118 17.82 5.48 23.08
N ASP A 119 17.51 6.38 24.01
CA ASP A 119 16.17 6.48 24.61
C ASP A 119 15.37 7.42 23.71
N PHE A 120 14.48 6.84 22.91
CA PHE A 120 13.75 7.59 21.88
C PHE A 120 12.52 8.37 22.37
N SER A 121 12.25 8.35 23.68
CA SER A 121 11.22 9.20 24.28
C SER A 121 11.70 10.64 24.51
N LYS A 122 12.98 10.89 24.28
CA LYS A 122 13.62 12.18 24.57
C LYS A 122 13.58 13.14 23.38
N GLY A 123 13.37 12.61 22.17
CA GLY A 123 13.35 13.40 20.94
C GLY A 123 14.57 13.04 20.12
N ASP A 124 14.39 12.95 18.81
CA ASP A 124 15.46 12.53 17.90
C ASP A 124 16.65 13.52 17.87
N ASP A 125 16.38 14.82 17.91
CA ASP A 125 17.46 15.82 17.93
C ASP A 125 18.30 15.82 19.23
N ASN A 126 17.70 15.38 20.34
CA ASN A 126 18.42 15.24 21.62
C ASN A 126 19.37 14.04 21.66
N VAL A 127 18.96 12.94 21.02
CA VAL A 127 19.76 11.69 21.01
C VAL A 127 20.53 11.45 19.72
N GLY A 128 20.25 12.24 18.69
CA GLY A 128 20.88 12.07 17.38
C GLY A 128 21.35 13.37 16.77
N ASP A 129 22.29 13.23 15.82
CA ASP A 129 22.70 14.31 14.94
C ASP A 129 22.27 13.92 13.54
N VAL A 130 22.04 14.92 12.70
CA VAL A 130 21.72 14.68 11.30
C VAL A 130 22.99 14.21 10.62
N PHE A 131 22.89 13.09 9.88
CA PHE A 131 23.98 12.58 9.03
C PHE A 131 23.68 12.79 7.55
N PHE A 132 22.47 12.45 7.11
CA PHE A 132 22.08 12.65 5.71
C PHE A 132 20.66 13.17 5.58
N ASP A 133 20.55 14.44 5.19
CA ASP A 133 19.29 15.10 4.94
C ASP A 133 19.14 15.24 3.42
N PRO A 134 18.35 14.33 2.78
CA PRO A 134 18.19 14.36 1.32
C PRO A 134 17.47 15.61 0.77
N ASN A 135 16.65 16.25 1.59
CA ASN A 135 15.93 17.49 1.19
C ASN A 135 16.85 18.61 0.67
N VAL A 136 18.08 18.64 1.17
CA VAL A 136 19.08 19.62 0.73
C VAL A 136 20.04 19.11 -0.35
N LEU A 137 19.69 17.99 -1.02
CA LEU A 137 20.46 17.52 -2.18
C LEU A 137 20.51 18.62 -3.23
N ALA A 138 19.33 19.15 -3.52
CA ALA A 138 19.17 20.34 -4.35
C ALA A 138 18.56 21.43 -3.49
N ALA A 139 19.01 22.67 -3.67
CA ALA A 139 18.55 23.81 -2.85
C ALA A 139 17.03 23.99 -2.88
N ASP A 140 16.41 23.75 -4.04
CA ASP A 140 14.95 23.84 -4.20
C ASP A 140 14.17 22.57 -3.81
N GLY A 141 14.87 21.54 -3.36
CA GLY A 141 14.26 20.26 -2.98
C GLY A 141 13.88 19.37 -4.15
N SER A 142 14.42 19.65 -5.34
CA SER A 142 14.06 18.93 -6.57
C SER A 142 14.79 17.60 -6.77
N ALA A 143 15.75 17.29 -5.88
CA ALA A 143 16.51 16.04 -5.94
C ALA A 143 16.08 15.16 -4.79
N GLY A 144 15.86 13.88 -5.08
CA GLY A 144 15.39 12.92 -4.08
C GLY A 144 16.36 11.77 -3.91
N MET A 145 16.44 11.22 -2.70
CA MET A 145 17.15 9.96 -2.50
C MET A 145 16.17 8.82 -2.78
N VAL A 146 16.45 8.05 -3.83
CA VAL A 146 15.59 6.94 -4.24
C VAL A 146 15.84 5.72 -3.35
N LEU A 147 17.09 5.57 -2.92
CA LEU A 147 17.59 4.32 -2.39
C LEU A 147 18.96 4.54 -1.77
N CYS A 148 19.28 3.81 -0.68
CA CYS A 148 20.60 3.92 -0.06
C CYS A 148 21.00 2.66 0.69
N LYS A 149 22.29 2.61 1.05
CA LYS A 149 22.89 1.47 1.72
C LYS A 149 24.19 1.85 2.42
N PHE A 150 24.32 1.47 3.68
CA PHE A 150 25.60 1.57 4.39
C PHE A 150 26.50 0.40 3.99
N SER A 151 27.81 0.62 4.06
CA SER A 151 28.78 -0.46 3.90
C SER A 151 28.79 -1.32 5.16
N PRO A 152 29.09 -2.63 5.04
CA PRO A 152 29.16 -3.55 6.20
C PRO A 152 30.07 -3.09 7.36
N ASP A 153 31.18 -2.45 7.03
CA ASP A 153 32.10 -1.94 8.08
C ASP A 153 31.67 -0.61 8.70
N GLY A 154 30.60 0.01 8.19
CA GLY A 154 30.05 1.25 8.75
C GLY A 154 30.79 2.53 8.40
N LYS A 155 31.82 2.43 7.55
CA LYS A 155 32.70 3.55 7.23
C LYS A 155 32.17 4.41 6.08
N PHE A 156 31.36 3.82 5.20
CA PHE A 156 30.86 4.51 4.01
C PHE A 156 29.35 4.34 3.82
N PHE A 157 28.78 5.21 3.00
CA PHE A 157 27.35 5.28 2.77
C PHE A 157 27.11 5.58 1.29
N ALA A 158 26.46 4.65 0.60
CA ALA A 158 26.07 4.84 -0.80
C ALA A 158 24.60 5.24 -0.89
N TYR A 159 24.29 6.12 -1.84
CA TYR A 159 22.93 6.64 -2.00
C TYR A 159 22.65 7.02 -3.44
N ALA A 160 21.49 6.60 -3.93
CA ALA A 160 21.05 6.85 -5.29
C ALA A 160 20.19 8.11 -5.31
N VAL A 161 20.55 9.06 -6.18
CA VAL A 161 19.89 10.37 -6.27
C VAL A 161 19.18 10.46 -7.61
N SER A 162 17.93 10.94 -7.57
CA SER A 162 17.13 11.15 -8.78
C SER A 162 16.62 12.58 -8.82
N HIS A 163 17.00 13.32 -9.87
CA HIS A 163 16.44 14.63 -10.16
C HIS A 163 15.15 14.42 -10.95
N LEU A 164 14.20 15.35 -10.78
CA LEU A 164 12.81 15.16 -11.26
C LEU A 164 12.68 14.87 -12.75
N GLY A 165 13.56 15.47 -13.55
CA GLY A 165 13.55 15.29 -15.00
C GLY A 165 13.94 13.90 -15.48
N GLY A 166 15.10 13.42 -15.02
CA GLY A 166 15.74 12.21 -15.54
C GLY A 166 14.96 10.91 -15.45
N ASP A 167 15.33 9.95 -16.31
CA ASP A 167 14.81 8.59 -16.28
C ASP A 167 15.61 7.74 -15.30
N TYR A 168 16.93 7.78 -15.46
CA TYR A 168 17.87 7.04 -14.61
C TYR A 168 18.15 7.80 -13.33
N SER A 169 18.92 7.18 -12.43
CA SER A 169 19.43 7.85 -11.24
C SER A 169 20.93 7.61 -11.11
N THR A 170 21.56 8.34 -10.21
CA THR A 170 23.01 8.38 -10.05
C THR A 170 23.38 8.01 -8.62
N ILE A 171 24.38 7.14 -8.45
CA ILE A 171 24.80 6.72 -7.11
C ILE A 171 26.04 7.52 -6.67
N TYR A 172 26.04 7.91 -5.38
CA TYR A 172 27.16 8.65 -4.78
C TYR A 172 27.59 7.94 -3.50
N VAL A 173 28.82 8.24 -3.08
CA VAL A 173 29.39 7.68 -1.85
C VAL A 173 29.91 8.81 -0.97
N ARG A 174 29.67 8.66 0.33
CA ARG A 174 30.22 9.56 1.33
C ARG A 174 30.66 8.77 2.57
N SER A 175 31.66 9.30 3.26
CA SER A 175 32.11 8.77 4.53
C SER A 175 31.05 9.05 5.59
N THR A 176 30.83 8.07 6.47
CA THR A 176 29.84 8.21 7.55
C THR A 176 30.19 9.34 8.54
N SER A 177 31.43 9.81 8.53
CA SER A 177 31.84 11.02 9.26
C SER A 177 31.55 12.37 8.55
N SER A 178 30.99 12.33 7.34
CA SER A 178 30.75 13.53 6.53
C SER A 178 29.26 13.81 6.37
N PRO A 179 28.66 14.59 7.29
CA PRO A 179 27.23 14.86 7.16
C PRO A 179 26.83 15.72 5.96
N LEU A 180 25.60 15.52 5.47
CA LEU A 180 24.96 16.43 4.55
C LEU A 180 23.77 17.03 5.26
N SER A 181 23.84 18.32 5.58
CA SER A 181 22.79 19.03 6.32
C SER A 181 22.70 20.49 5.90
N GLN A 182 21.70 21.19 6.44
CA GLN A 182 21.54 22.64 6.26
C GLN A 182 22.79 23.36 6.78
N ALA A 183 23.31 22.87 7.89
CA ALA A 183 24.57 23.36 8.45
C ALA A 183 25.75 23.11 7.51
N SER A 184 25.89 21.87 7.03
CA SER A 184 27.06 21.46 6.24
C SER A 184 27.16 22.14 4.88
N VAL A 185 26.04 22.29 4.19
CA VAL A 185 26.02 22.98 2.89
C VAL A 185 26.27 24.48 3.00
N ALA A 186 25.86 25.09 4.12
CA ALA A 186 26.16 26.50 4.43
C ALA A 186 27.65 26.73 4.68
N GLN A 187 28.31 25.76 5.29
CA GLN A 187 29.76 25.80 5.54
C GLN A 187 30.59 25.86 4.23
N GLY A 188 30.14 25.16 3.19
CA GLY A 188 30.78 25.22 1.88
C GLY A 188 30.39 24.08 0.95
N VAL A 189 31.39 23.33 0.50
CA VAL A 189 31.22 22.27 -0.51
C VAL A 189 30.80 20.98 0.16
N ASP A 190 29.98 20.18 -0.53
CA ASP A 190 29.53 18.88 -0.03
C ASP A 190 30.73 17.94 0.16
N GLY A 191 30.76 17.26 1.30
CA GLY A 191 31.90 16.40 1.66
C GLY A 191 31.78 14.94 1.21
N ARG A 192 31.10 14.69 0.09
CA ARG A 192 31.08 13.38 -0.54
C ARG A 192 32.40 13.09 -1.22
N LEU A 193 32.61 11.84 -1.61
CA LEU A 193 33.70 11.49 -2.52
C LEU A 193 33.36 11.92 -3.95
N SER A 194 34.36 11.92 -4.83
CA SER A 194 34.17 12.35 -6.23
C SER A 194 33.39 11.34 -7.08
N ASP A 195 33.30 10.10 -6.61
CA ASP A 195 32.51 9.02 -7.24
C ASP A 195 31.16 9.50 -7.77
N GLU A 196 30.85 9.19 -9.02
CA GLU A 196 29.55 9.52 -9.62
C GLU A 196 29.08 8.41 -10.58
N VAL A 197 28.36 7.44 -10.01
CA VAL A 197 28.03 6.20 -10.73
C VAL A 197 26.68 6.35 -11.47
N LYS A 198 26.75 6.68 -12.75
CA LYS A 198 25.56 6.98 -13.56
C LYS A 198 24.85 5.73 -14.12
N TRP A 199 23.65 5.99 -14.65
CA TRP A 199 22.83 5.04 -15.44
C TRP A 199 22.23 3.90 -14.61
N PHE A 200 22.06 4.15 -13.32
CA PHE A 200 21.58 3.16 -12.36
C PHE A 200 20.06 3.13 -12.40
N LYS A 201 19.48 1.92 -12.46
CA LYS A 201 18.03 1.73 -12.47
C LYS A 201 17.61 0.27 -12.20
N PHE A 202 16.52 0.11 -11.44
CA PHE A 202 15.85 -1.18 -11.21
C PHE A 202 16.72 -2.26 -10.59
N SER A 203 17.48 -1.90 -9.58
CA SER A 203 18.10 -2.87 -8.69
C SER A 203 18.39 -2.24 -7.33
N THR A 204 18.79 -3.08 -6.38
CA THR A 204 19.31 -2.60 -5.10
C THR A 204 20.80 -2.30 -5.26
N ILE A 205 21.39 -1.74 -4.20
CA ILE A 205 22.81 -1.55 -4.08
C ILE A 205 23.23 -2.61 -3.08
N ILE A 206 24.26 -3.37 -3.41
CA ILE A 206 24.67 -4.54 -2.64
C ILE A 206 26.16 -4.46 -2.42
N TRP A 207 26.58 -4.16 -1.20
CA TRP A 207 28.00 -4.13 -0.87
C TRP A 207 28.59 -5.54 -0.81
N THR A 208 29.85 -5.67 -1.19
CA THR A 208 30.65 -6.83 -0.84
C THR A 208 30.97 -6.74 0.66
N LYS A 209 31.21 -7.88 1.31
CA LYS A 209 31.46 -7.90 2.77
C LYS A 209 32.88 -7.45 3.17
N ASP A 210 33.77 -7.30 2.20
CA ASP A 210 35.04 -6.56 2.39
C ASP A 210 34.86 -5.03 2.54
N SER A 211 33.65 -4.52 2.26
CA SER A 211 33.33 -3.09 2.25
C SER A 211 34.14 -2.26 1.23
N LYS A 212 34.75 -2.93 0.25
CA LYS A 212 35.59 -2.26 -0.74
C LYS A 212 34.74 -1.59 -1.82
N GLY A 213 33.64 -2.23 -2.18
CA GLY A 213 32.75 -1.73 -3.21
C GLY A 213 31.36 -2.33 -3.15
N PHE A 214 30.55 -2.05 -4.18
CA PHE A 214 29.16 -2.50 -4.24
C PHE A 214 28.70 -2.79 -5.66
N LEU A 215 27.72 -3.70 -5.75
CA LEU A 215 27.09 -4.06 -7.00
C LEU A 215 25.87 -3.19 -7.26
N TYR A 216 25.55 -3.01 -8.53
CA TYR A 216 24.45 -2.16 -8.97
C TYR A 216 24.15 -2.45 -10.46
N GLN A 217 22.89 -2.30 -10.85
CA GLN A 217 22.48 -2.47 -12.24
C GLN A 217 22.61 -1.15 -12.98
N ARG A 218 23.14 -1.18 -14.21
CA ARG A 218 23.19 0.00 -15.06
C ARG A 218 22.93 -0.28 -16.54
N TYR A 219 22.48 0.75 -17.23
CA TYR A 219 22.18 0.69 -18.66
C TYR A 219 23.20 1.53 -19.44
N PRO A 220 23.20 1.41 -20.80
CA PRO A 220 24.04 2.31 -21.60
C PRO A 220 23.52 3.76 -21.61
N ALA A 221 24.37 4.68 -22.03
CA ALA A 221 24.07 6.12 -22.02
C ALA A 221 23.10 6.53 -23.12
N ARG A 222 22.33 7.59 -22.87
CA ARG A 222 21.43 8.21 -23.85
C ARG A 222 21.80 9.68 -24.06
N SER A 230 13.90 2.38 -25.60
CA SER A 230 13.52 1.70 -24.36
C SER A 230 14.75 1.20 -23.60
N ASP A 231 14.54 0.73 -22.37
CA ASP A 231 15.62 0.22 -21.52
C ASP A 231 15.99 -1.21 -21.90
N ARG A 232 17.20 -1.41 -22.43
CA ARG A 232 17.70 -2.74 -22.79
C ARG A 232 19.19 -2.89 -22.50
N ASN A 233 19.64 -4.13 -22.47
CA ASN A 233 21.04 -4.51 -22.24
C ASN A 233 21.56 -4.02 -20.90
N ALA A 234 20.90 -4.48 -19.83
CA ALA A 234 21.32 -4.18 -18.48
C ALA A 234 22.61 -4.91 -18.14
N MET A 235 23.38 -4.31 -17.22
CA MET A 235 24.66 -4.86 -16.78
C MET A 235 24.68 -4.79 -15.26
N MET A 236 24.91 -5.94 -14.60
CA MET A 236 25.20 -5.94 -13.19
C MET A 236 26.68 -5.64 -13.08
N CYS A 237 27.00 -4.49 -12.48
CA CYS A 237 28.37 -4.02 -12.38
C CYS A 237 28.83 -3.94 -10.94
N TYR A 238 30.13 -3.71 -10.76
CA TYR A 238 30.74 -3.55 -9.45
C TYR A 238 31.55 -2.26 -9.43
N HIS A 239 31.32 -1.43 -8.41
CA HIS A 239 32.01 -0.15 -8.26
C HIS A 239 32.87 -0.11 -7.00
N LYS A 240 34.18 0.08 -7.18
CA LYS A 240 35.11 0.25 -6.05
C LYS A 240 34.91 1.64 -5.45
N VAL A 241 34.90 1.73 -4.12
CA VAL A 241 34.79 3.02 -3.40
C VAL A 241 36.07 3.83 -3.62
N GLY A 242 35.91 5.14 -3.79
CA GLY A 242 37.03 6.04 -4.05
C GLY A 242 37.64 5.86 -5.43
N THR A 243 36.80 5.56 -6.42
CA THR A 243 37.20 5.45 -7.82
C THR A 243 36.15 6.11 -8.70
N THR A 244 36.51 6.38 -9.96
CA THR A 244 35.55 6.86 -10.96
C THR A 244 34.74 5.66 -11.46
N GLN A 245 33.66 5.93 -12.19
CA GLN A 245 32.86 4.85 -12.80
C GLN A 245 33.65 4.08 -13.87
N GLU A 246 34.69 4.70 -14.44
CA GLU A 246 35.60 4.03 -15.39
C GLU A 246 36.33 2.83 -14.78
N GLU A 247 36.57 2.86 -13.47
CA GLU A 247 37.19 1.72 -12.75
C GLU A 247 36.27 0.51 -12.50
N ASP A 248 35.00 0.58 -12.92
CA ASP A 248 34.03 -0.45 -12.59
C ASP A 248 34.17 -1.72 -13.44
N ILE A 249 33.72 -2.84 -12.88
CA ILE A 249 33.72 -4.16 -13.51
C ILE A 249 32.31 -4.50 -13.92
N ILE A 250 32.15 -5.13 -15.08
CA ILE A 250 30.88 -5.80 -15.41
C ILE A 250 30.95 -7.20 -14.79
N VAL A 251 30.03 -7.47 -13.87
CA VAL A 251 29.90 -8.78 -13.21
C VAL A 251 29.12 -9.74 -14.11
N TYR A 252 28.07 -9.22 -14.76
CA TYR A 252 27.29 -10.00 -15.70
C TYR A 252 26.48 -9.13 -16.67
N GLN A 253 26.40 -9.59 -17.92
CA GLN A 253 25.42 -9.10 -18.90
C GLN A 253 25.06 -10.25 -19.85
N ASP A 254 23.93 -10.12 -20.54
CA ASP A 254 23.47 -11.11 -21.52
C ASP A 254 23.09 -10.39 -22.81
N ASN A 255 23.98 -10.47 -23.79
CA ASN A 255 23.74 -9.92 -25.14
C ASN A 255 22.49 -10.56 -25.78
N GLU A 256 22.31 -11.86 -25.54
CA GLU A 256 21.28 -12.67 -26.20
C GLU A 256 19.86 -12.45 -25.67
N HIS A 257 19.72 -11.93 -24.45
CA HIS A 257 18.40 -11.63 -23.88
C HIS A 257 18.35 -10.19 -23.39
N PRO A 258 18.25 -9.22 -24.34
CA PRO A 258 18.37 -7.78 -24.00
C PRO A 258 17.35 -7.21 -23.01
N GLU A 259 16.19 -7.86 -22.87
CA GLU A 259 15.16 -7.41 -21.91
C GLU A 259 15.40 -7.82 -20.46
N TRP A 260 16.34 -8.74 -20.22
CA TRP A 260 16.53 -9.32 -18.88
C TRP A 260 17.15 -8.35 -17.87
N ILE A 261 16.71 -8.52 -16.63
CA ILE A 261 17.03 -7.63 -15.50
C ILE A 261 17.74 -8.46 -14.45
N TYR A 262 18.64 -7.83 -13.69
CA TYR A 262 19.50 -8.55 -12.74
C TYR A 262 19.44 -8.03 -11.30
N GLY A 263 19.57 -8.97 -10.36
CA GLY A 263 19.74 -8.69 -8.94
C GLY A 263 20.97 -9.44 -8.44
N ALA A 264 21.49 -8.97 -7.32
CA ALA A 264 22.69 -9.55 -6.71
C ALA A 264 22.49 -9.74 -5.22
N ASP A 265 23.36 -10.54 -4.61
CA ASP A 265 23.47 -10.58 -3.16
C ASP A 265 24.80 -11.20 -2.76
N THR A 266 25.29 -10.84 -1.57
CA THR A 266 26.53 -11.39 -1.03
C THR A 266 26.27 -11.98 0.35
N SER A 267 26.90 -13.12 0.65
CA SER A 267 26.77 -13.77 1.96
C SER A 267 27.67 -13.09 2.98
N GLU A 268 27.22 -13.08 4.25
CA GLU A 268 27.93 -12.41 5.36
C GLU A 268 29.36 -12.91 5.54
N ASP A 269 29.56 -14.23 5.37
CA ASP A 269 30.87 -14.85 5.55
C ASP A 269 31.92 -14.47 4.51
N GLY A 270 31.46 -13.97 3.35
CA GLY A 270 32.34 -13.50 2.28
C GLY A 270 32.51 -14.49 1.14
N LYS A 271 32.00 -15.71 1.29
CA LYS A 271 32.28 -16.78 0.33
C LYS A 271 31.47 -16.70 -0.94
N TYR A 272 30.20 -16.33 -0.84
CA TYR A 272 29.30 -16.38 -2.00
C TYR A 272 28.90 -15.01 -2.57
N LEU A 273 28.80 -14.98 -3.90
CA LEU A 273 28.16 -13.91 -4.66
C LEU A 273 27.03 -14.57 -5.44
N TYR A 274 25.82 -14.03 -5.29
CA TYR A 274 24.62 -14.58 -5.90
C TYR A 274 24.12 -13.69 -7.03
N LEU A 275 23.75 -14.29 -8.16
CA LEU A 275 23.18 -13.57 -9.31
C LEU A 275 21.73 -14.01 -9.53
N TYR A 276 20.81 -13.06 -9.46
CA TYR A 276 19.40 -13.28 -9.78
C TYR A 276 19.14 -12.76 -11.18
N GLN A 277 18.33 -13.48 -11.96
CA GLN A 277 17.95 -13.04 -13.32
C GLN A 277 16.43 -13.04 -13.46
N PHE A 278 15.87 -11.96 -14.00
CA PHE A 278 14.43 -11.81 -14.22
C PHE A 278 14.17 -11.49 -15.69
N LYS A 279 13.10 -12.06 -16.24
CA LYS A 279 12.69 -11.86 -17.65
C LYS A 279 11.32 -11.16 -17.84
N ASP A 280 10.48 -11.10 -16.80
CA ASP A 280 9.17 -10.47 -16.91
C ASP A 280 8.59 -10.07 -15.52
N THR A 281 7.37 -9.54 -15.50
CA THR A 281 6.73 -9.07 -14.27
C THR A 281 6.19 -10.16 -13.33
N SER A 282 6.39 -11.45 -13.64
CA SER A 282 6.16 -12.50 -12.65
C SER A 282 7.31 -12.50 -11.64
N LYS A 283 7.16 -13.26 -10.55
CA LYS A 283 8.22 -13.37 -9.54
C LYS A 283 9.22 -14.51 -9.78
N LYS A 284 9.10 -15.22 -10.91
CA LYS A 284 10.04 -16.30 -11.26
C LYS A 284 11.43 -15.72 -11.54
N ASN A 285 12.48 -16.44 -11.12
CA ASN A 285 13.86 -15.96 -11.34
C ASN A 285 14.92 -17.06 -11.29
N LEU A 286 16.04 -16.80 -11.96
CA LEU A 286 17.21 -17.69 -11.94
C LEU A 286 18.08 -17.34 -10.75
N LEU A 287 19.00 -18.23 -10.42
CA LEU A 287 19.87 -18.07 -9.25
C LEU A 287 21.18 -18.80 -9.50
N TRP A 288 22.22 -18.05 -9.89
CA TRP A 288 23.55 -18.61 -10.07
C TRP A 288 24.42 -18.22 -8.88
N VAL A 289 25.38 -19.09 -8.55
CA VAL A 289 26.23 -18.93 -7.36
C VAL A 289 27.69 -18.98 -7.75
N ALA A 290 28.51 -18.22 -7.02
CA ALA A 290 29.94 -18.09 -7.32
C ALA A 290 30.76 -17.83 -6.05
N GLU A 291 31.99 -18.35 -6.04
CA GLU A 291 32.92 -18.19 -4.91
C GLU A 291 33.89 -17.04 -5.17
N LEU A 292 34.34 -16.38 -4.09
CA LEU A 292 35.17 -15.16 -4.18
C LEU A 292 36.54 -15.33 -3.53
N ASP A 293 37.41 -14.32 -3.66
CA ASP A 293 38.72 -14.31 -2.99
C ASP A 293 38.55 -14.07 -1.50
N GLY A 296 38.16 -10.05 -3.75
CA GLY A 296 36.75 -9.71 -3.87
C GLY A 296 36.22 -9.93 -5.28
N VAL A 297 35.25 -9.09 -5.69
CA VAL A 297 34.57 -9.23 -6.98
C VAL A 297 35.54 -8.86 -8.09
N LYS A 298 35.62 -9.73 -9.09
CA LYS A 298 36.44 -9.52 -10.29
C LYS A 298 35.61 -9.95 -11.52
N SER A 299 36.19 -9.88 -12.72
CA SER A 299 35.49 -10.24 -13.96
C SER A 299 35.84 -11.66 -14.40
N GLY A 300 34.99 -12.23 -15.26
CA GLY A 300 35.14 -13.61 -15.72
C GLY A 300 34.82 -14.62 -14.63
N ILE A 301 33.69 -14.39 -13.95
CA ILE A 301 33.24 -15.21 -12.83
C ILE A 301 32.73 -16.53 -13.40
N HIS A 302 33.19 -17.64 -12.83
CA HIS A 302 32.64 -18.97 -13.15
C HIS A 302 31.38 -19.20 -12.34
N TRP A 303 30.23 -19.15 -13.00
CA TRP A 303 28.92 -19.23 -12.34
C TRP A 303 28.43 -20.68 -12.23
N ARG A 304 28.28 -21.16 -10.99
CA ARG A 304 27.58 -22.42 -10.74
C ARG A 304 26.07 -22.15 -10.87
N LYS A 305 25.47 -22.70 -11.92
CA LYS A 305 24.10 -22.34 -12.30
C LYS A 305 23.11 -23.31 -11.65
N VAL A 306 22.78 -23.03 -10.39
CA VAL A 306 21.92 -23.88 -9.58
C VAL A 306 20.49 -23.81 -10.12
N VAL A 307 19.84 -22.66 -9.99
CA VAL A 307 18.50 -22.47 -10.53
C VAL A 307 18.62 -21.88 -11.92
N ASN A 308 18.66 -22.76 -12.92
CA ASN A 308 18.58 -22.35 -14.32
C ASN A 308 17.22 -22.80 -14.82
N GLU A 309 16.65 -22.03 -15.75
CA GLU A 309 15.26 -22.14 -16.21
C GLU A 309 14.27 -21.51 -15.21
N TYR A 310 13.30 -20.77 -15.75
CA TYR A 310 12.38 -19.95 -14.96
C TYR A 310 11.22 -20.79 -14.42
N ALA A 311 11.37 -21.27 -13.19
CA ALA A 311 10.36 -22.09 -12.51
C ALA A 311 9.65 -21.30 -11.41
N ALA A 312 10.41 -20.77 -10.45
CA ALA A 312 9.85 -20.22 -9.22
C ALA A 312 10.61 -19.00 -8.67
N ASP A 313 10.01 -18.38 -7.65
CA ASP A 313 10.65 -17.31 -6.88
C ASP A 313 11.69 -17.96 -5.97
N TYR A 314 12.92 -17.46 -6.01
CA TYR A 314 14.00 -17.92 -5.12
C TYR A 314 14.71 -16.68 -4.58
N ASN A 315 14.56 -16.43 -3.28
CA ASN A 315 15.28 -15.37 -2.62
C ASN A 315 16.13 -15.96 -1.48
N ILE A 316 17.43 -15.69 -1.53
CA ILE A 316 18.34 -16.23 -0.52
C ILE A 316 18.18 -15.50 0.81
N ILE A 317 18.22 -16.28 1.90
CA ILE A 317 18.15 -15.79 3.27
C ILE A 317 19.56 -15.68 3.86
N THR A 318 20.28 -16.79 3.86
CA THR A 318 21.62 -16.87 4.44
C THR A 318 22.29 -18.20 4.09
N ASN A 319 23.50 -18.40 4.62
CA ASN A 319 24.19 -19.70 4.54
C ASN A 319 25.03 -20.01 5.78
N HIS A 320 25.23 -21.30 6.03
CA HIS A 320 26.26 -21.78 6.94
C HIS A 320 27.13 -22.71 6.10
N GLY A 321 28.30 -22.22 5.69
CA GLY A 321 29.16 -22.94 4.77
C GLY A 321 28.44 -23.20 3.46
N SER A 322 28.54 -24.43 2.96
CA SER A 322 27.94 -24.80 1.68
C SER A 322 26.42 -25.02 1.72
N LEU A 323 25.83 -24.96 2.92
CA LEU A 323 24.39 -25.07 3.07
C LEU A 323 23.77 -23.68 2.94
N VAL A 324 22.97 -23.50 1.89
CA VAL A 324 22.30 -22.22 1.63
C VAL A 324 20.82 -22.35 1.97
N TYR A 325 20.29 -21.35 2.68
CA TYR A 325 18.88 -21.28 3.06
C TYR A 325 18.13 -20.35 2.11
N ILE A 326 17.04 -20.84 1.51
CA ILE A 326 16.33 -20.12 0.44
C ILE A 326 14.81 -20.10 0.64
N LYS A 327 14.23 -18.91 0.65
CA LYS A 327 12.77 -18.76 0.58
C LYS A 327 12.34 -18.93 -0.87
N THR A 328 11.35 -19.81 -1.09
CA THR A 328 10.84 -20.10 -2.44
C THR A 328 9.37 -20.54 -2.46
N ASN A 329 8.77 -20.42 -3.64
CA ASN A 329 7.41 -20.91 -3.89
C ASN A 329 7.36 -22.03 -4.94
N LEU A 330 8.44 -22.79 -5.07
CA LEU A 330 8.49 -23.93 -6.00
C LEU A 330 7.63 -25.04 -5.43
N ASN A 331 6.53 -25.36 -6.11
CA ASN A 331 5.53 -26.33 -5.65
C ASN A 331 4.97 -25.96 -4.27
N ALA A 332 4.79 -24.66 -4.07
CA ALA A 332 4.33 -24.13 -2.79
C ALA A 332 3.93 -22.68 -2.98
N PRO A 333 2.69 -22.43 -3.47
CA PRO A 333 2.18 -21.07 -3.71
C PRO A 333 2.30 -20.14 -2.50
N GLN A 334 1.85 -20.64 -1.34
CA GLN A 334 2.18 -20.04 -0.04
C GLN A 334 3.62 -20.49 0.16
N TYR A 335 4.52 -19.58 0.46
CA TYR A 335 5.96 -19.88 0.32
C TYR A 335 6.47 -20.91 1.35
N LYS A 336 7.74 -21.27 1.21
CA LYS A 336 8.42 -22.14 2.16
C LYS A 336 9.93 -21.82 2.17
N VAL A 337 10.68 -22.50 3.04
CA VAL A 337 12.13 -22.43 3.05
C VAL A 337 12.72 -23.81 2.74
N ILE A 338 13.68 -23.83 1.82
CA ILE A 338 14.48 -25.02 1.52
C ILE A 338 15.92 -24.79 1.92
N THR A 339 16.69 -25.87 1.97
CA THR A 339 18.14 -25.80 2.00
C THR A 339 18.71 -26.45 0.75
N ILE A 340 19.82 -25.90 0.27
CA ILE A 340 20.58 -26.47 -0.85
C ILE A 340 22.03 -26.65 -0.35
N ASP A 341 22.50 -27.90 -0.34
CA ASP A 341 23.86 -28.24 0.08
C ASP A 341 24.74 -28.30 -1.15
N LEU A 342 25.73 -27.41 -1.20
CA LEU A 342 26.61 -27.25 -2.37
C LEU A 342 27.92 -28.03 -2.27
N SER A 343 28.22 -28.63 -1.11
CA SER A 343 29.39 -29.53 -0.97
C SER A 343 29.22 -30.82 -1.74
N LYS A 344 27.96 -31.26 -1.91
CA LYS A 344 27.65 -32.33 -2.85
C LYS A 344 27.81 -31.80 -4.29
N ASP A 345 28.23 -32.69 -5.18
CA ASP A 345 28.46 -32.36 -6.61
C ASP A 345 27.17 -31.95 -7.28
N GLU A 346 26.11 -32.72 -7.01
CA GLU A 346 24.73 -32.35 -7.35
C GLU A 346 24.13 -31.65 -6.13
N PRO A 347 23.49 -30.48 -6.31
CA PRO A 347 22.92 -29.81 -5.14
C PRO A 347 21.77 -30.61 -4.49
N GLU A 348 21.88 -30.83 -3.17
CA GLU A 348 20.87 -31.58 -2.41
C GLU A 348 19.79 -30.64 -1.82
N ILE A 349 18.62 -30.63 -2.47
CA ILE A 349 17.50 -29.78 -2.09
C ILE A 349 16.66 -30.48 -1.02
N ARG A 350 16.41 -29.79 0.10
CA ARG A 350 15.60 -30.34 1.20
C ARG A 350 14.68 -29.29 1.80
N ASP A 351 13.44 -29.69 2.12
CA ASP A 351 12.49 -28.81 2.83
C ASP A 351 13.01 -28.53 4.23
N PHE A 352 13.14 -27.23 4.57
CA PHE A 352 13.65 -26.82 5.87
C PHE A 352 12.50 -26.36 6.75
N ILE A 353 11.75 -25.38 6.28
CA ILE A 353 10.47 -25.03 6.89
C ILE A 353 9.41 -25.26 5.82
N PRO A 354 8.55 -26.28 6.00
CA PRO A 354 7.55 -26.59 4.98
C PRO A 354 6.51 -25.48 4.75
N GLU A 355 5.89 -25.51 3.57
CA GLU A 355 4.74 -24.68 3.26
C GLU A 355 3.64 -24.85 4.31
N GLU A 356 2.96 -23.75 4.59
CA GLU A 356 1.71 -23.78 5.33
C GLU A 356 0.60 -23.62 4.29
N LYS A 357 -0.43 -24.47 4.37
CA LYS A 357 -1.56 -24.40 3.44
C LYS A 357 -2.26 -23.04 3.49
N ASP A 358 -2.47 -22.52 4.70
CA ASP A 358 -3.27 -21.31 4.89
C ASP A 358 -2.47 -20.07 5.37
N ALA A 359 -1.15 -20.11 5.23
CA ALA A 359 -0.29 -19.01 5.65
C ALA A 359 0.86 -18.75 4.67
N LYS A 360 0.84 -17.57 4.07
CA LYS A 360 1.91 -17.13 3.19
C LYS A 360 3.12 -16.73 4.03
N LEU A 361 4.20 -17.46 3.85
CA LEU A 361 5.50 -17.06 4.38
C LEU A 361 6.03 -15.78 3.67
N ALA A 362 6.03 -14.66 4.39
CA ALA A 362 6.29 -13.35 3.78
C ALA A 362 7.77 -12.95 3.83
N GLN A 363 8.42 -13.21 4.95
CA GLN A 363 9.79 -12.77 5.18
C GLN A 363 10.50 -13.73 6.14
N VAL A 364 11.80 -13.98 5.90
CA VAL A 364 12.65 -14.71 6.85
C VAL A 364 14.02 -14.06 6.91
N ASN A 365 14.49 -13.82 8.13
CA ASN A 365 15.81 -13.24 8.39
C ASN A 365 16.51 -14.12 9.41
N CYS A 366 17.78 -14.43 9.18
CA CYS A 366 18.61 -15.06 10.21
C CYS A 366 18.97 -14.01 11.25
N ALA A 367 18.85 -14.37 12.53
CA ALA A 367 19.09 -13.46 13.65
C ALA A 367 19.91 -14.12 14.74
N ASN A 368 20.81 -13.35 15.36
CA ASN A 368 21.78 -13.83 16.35
C ASN A 368 22.37 -15.20 15.96
N GLU A 369 22.82 -15.29 14.69
CA GLU A 369 23.47 -16.47 14.12
C GLU A 369 22.65 -17.80 14.10
N GLU A 370 22.19 -18.27 15.26
CA GLU A 370 21.54 -19.59 15.38
C GLU A 370 20.01 -19.57 15.41
N TYR A 371 19.40 -18.52 14.86
CA TYR A 371 17.94 -18.37 14.86
C TYR A 371 17.43 -17.79 13.55
N PHE A 372 16.14 -17.95 13.33
CA PHE A 372 15.42 -17.35 12.22
C PHE A 372 14.21 -16.59 12.77
N VAL A 373 14.07 -15.34 12.34
CA VAL A 373 12.88 -14.55 12.62
C VAL A 373 12.04 -14.61 11.36
N ALA A 374 10.73 -14.62 11.52
CA ALA A 374 9.89 -15.02 10.42
C ALA A 374 8.44 -14.52 10.47
N ILE A 375 7.94 -14.04 9.32
CA ILE A 375 6.63 -13.39 9.21
C ILE A 375 5.71 -14.18 8.31
N TYR A 376 4.51 -14.47 8.82
CA TYR A 376 3.45 -15.14 8.08
C TYR A 376 2.26 -14.21 7.95
N LYS A 377 1.64 -14.16 6.78
CA LYS A 377 0.35 -13.50 6.62
C LYS A 377 -0.73 -14.58 6.54
N ARG A 378 -1.65 -14.56 7.52
CA ARG A 378 -2.76 -15.52 7.63
C ARG A 378 -4.02 -14.73 8.01
N ASN A 379 -5.04 -14.81 7.16
CA ASN A 379 -6.29 -14.05 7.32
C ASN A 379 -6.04 -12.55 7.36
N VAL A 380 -5.32 -12.07 6.35
CA VAL A 380 -5.04 -10.63 6.15
C VAL A 380 -4.28 -9.96 7.32
N LYS A 381 -3.55 -10.76 8.11
CA LYS A 381 -2.85 -10.30 9.32
C LYS A 381 -1.49 -10.94 9.36
N ASP A 382 -0.50 -10.19 9.84
CA ASP A 382 0.86 -10.71 10.01
C ASP A 382 1.07 -11.31 11.39
N GLU A 383 1.70 -12.48 11.41
CA GLU A 383 2.09 -13.19 12.64
C GLU A 383 3.60 -13.29 12.62
N ILE A 384 4.20 -13.24 13.80
CA ILE A 384 5.66 -13.14 13.94
C ILE A 384 6.13 -14.37 14.71
N TYR A 385 7.11 -15.08 14.14
CA TYR A 385 7.66 -16.29 14.76
C TYR A 385 9.17 -16.28 14.87
N LEU A 386 9.65 -16.94 15.93
CA LEU A 386 11.05 -17.16 16.19
C LEU A 386 11.33 -18.67 16.03
N TYR A 387 12.31 -18.99 15.20
CA TYR A 387 12.69 -20.35 14.86
C TYR A 387 14.14 -20.61 15.25
N SER A 388 14.49 -21.89 15.44
CA SER A 388 15.88 -22.29 15.61
C SER A 388 16.55 -22.52 14.24
N LYS A 389 17.88 -22.67 14.24
CA LYS A 389 18.63 -23.01 13.00
C LYS A 389 18.32 -24.40 12.44
N ALA A 390 17.73 -25.27 13.25
CA ALA A 390 17.23 -26.56 12.80
C ALA A 390 15.78 -26.53 12.30
N GLY A 391 15.15 -25.35 12.29
CA GLY A 391 13.79 -25.19 11.81
C GLY A 391 12.69 -25.43 12.83
N VAL A 392 13.03 -25.51 14.11
CA VAL A 392 12.03 -25.70 15.16
C VAL A 392 11.44 -24.34 15.54
N GLN A 393 10.12 -24.22 15.43
CA GLN A 393 9.39 -23.02 15.88
C GLN A 393 9.46 -22.91 17.41
N LEU A 394 10.21 -21.93 17.90
CA LEU A 394 10.45 -21.78 19.34
C LEU A 394 9.33 -21.03 20.04
N THR A 395 8.81 -19.98 19.41
CA THR A 395 7.73 -19.19 20.00
C THR A 395 7.10 -18.24 18.98
N ARG A 396 5.87 -17.83 19.28
CA ARG A 396 5.20 -16.72 18.61
C ARG A 396 5.41 -15.43 19.43
N LEU A 397 5.85 -14.36 18.75
CA LEU A 397 6.02 -13.05 19.37
C LEU A 397 4.81 -12.17 19.05
N ALA A 398 4.37 -11.41 20.06
CA ALA A 398 3.25 -10.47 19.95
C ALA A 398 1.96 -11.12 19.41
N PRO A 399 1.46 -12.15 20.12
CA PRO A 399 0.34 -12.98 19.62
C PRO A 399 -0.96 -12.22 19.34
N ASP A 400 -1.25 -11.17 20.11
CA ASP A 400 -2.47 -10.37 19.96
C ASP A 400 -2.32 -9.15 19.03
N PHE A 401 -1.21 -9.09 18.29
CA PHE A 401 -0.99 -8.00 17.36
C PHE A 401 -1.86 -8.18 16.12
N VAL A 402 -2.54 -7.09 15.74
CA VAL A 402 -3.37 -7.03 14.56
C VAL A 402 -2.81 -5.96 13.63
N GLY A 403 -2.11 -6.40 12.59
CA GLY A 403 -1.56 -5.48 11.61
C GLY A 403 -0.48 -6.07 10.74
N ALA A 404 0.40 -5.20 10.27
CA ALA A 404 1.53 -5.56 9.43
C ALA A 404 2.81 -5.45 10.23
N ALA A 405 3.75 -6.37 9.99
CA ALA A 405 5.04 -6.43 10.65
C ALA A 405 6.17 -6.75 9.65
N SER A 406 7.33 -6.14 9.84
CA SER A 406 8.54 -6.49 9.09
C SER A 406 9.74 -6.52 10.03
N ILE A 407 10.77 -7.25 9.61
CA ILE A 407 11.98 -7.49 10.40
C ILE A 407 13.12 -6.63 9.85
N ALA A 408 13.90 -6.06 10.76
CA ALA A 408 15.11 -5.34 10.43
C ALA A 408 16.20 -5.79 11.38
N ASN A 409 17.33 -6.21 10.84
CA ASN A 409 18.43 -6.72 11.67
C ASN A 409 19.69 -6.96 10.86
N ARG A 410 20.75 -7.29 11.58
CA ARG A 410 21.99 -7.84 11.01
C ARG A 410 22.25 -9.17 11.71
N GLN A 411 22.65 -10.16 10.92
CA GLN A 411 22.70 -11.58 11.33
C GLN A 411 23.57 -11.85 12.56
N LYS A 412 24.69 -11.14 12.66
CA LYS A 412 25.68 -11.36 13.71
C LYS A 412 25.31 -10.76 15.07
N GLN A 413 24.34 -9.84 15.10
CA GLN A 413 24.05 -9.10 16.32
C GLN A 413 23.11 -9.87 17.23
N THR A 414 23.13 -9.52 18.52
CA THR A 414 22.36 -10.21 19.55
C THR A 414 20.93 -9.66 19.75
N HIS A 415 20.46 -8.90 18.76
CA HIS A 415 19.11 -8.33 18.78
C HIS A 415 18.53 -8.29 17.36
N PHE A 416 17.22 -8.06 17.29
CA PHE A 416 16.57 -7.66 16.05
C PHE A 416 15.40 -6.72 16.36
N PHE A 417 14.92 -6.02 15.34
CA PHE A 417 13.75 -5.16 15.46
C PHE A 417 12.55 -5.64 14.65
N LEU A 418 11.38 -5.16 15.05
CA LEU A 418 10.14 -5.34 14.32
C LEU A 418 9.52 -3.97 14.14
N THR A 419 9.08 -3.67 12.93
CA THR A 419 8.35 -2.44 12.62
C THR A 419 6.92 -2.86 12.46
N LEU A 420 6.06 -2.39 13.35
CA LEU A 420 4.67 -2.80 13.44
C LEU A 420 3.78 -1.65 13.05
N SER A 421 2.73 -1.94 12.28
CA SER A 421 1.75 -0.94 11.89
C SER A 421 0.38 -1.59 11.76
N GLY A 422 -0.67 -0.79 11.93
CA GLY A 422 -2.05 -1.24 11.72
C GLY A 422 -3.04 -0.10 11.62
N PHE A 423 -4.29 -0.37 11.97
CA PHE A 423 -5.32 0.67 11.97
C PHE A 423 -5.09 1.75 13.05
N ASN A 424 -4.54 1.32 14.18
CA ASN A 424 -4.38 2.17 15.37
C ASN A 424 -3.08 2.98 15.41
N THR A 425 -2.05 2.53 14.69
CA THR A 425 -0.77 3.24 14.60
C THR A 425 -0.10 3.02 13.23
N PRO A 426 0.61 4.04 12.72
CA PRO A 426 1.41 3.87 11.50
C PRO A 426 2.83 3.32 11.78
N GLY A 427 3.21 3.23 13.05
CA GLY A 427 4.58 2.85 13.38
C GLY A 427 4.80 2.61 14.86
N THR A 428 5.26 1.40 15.17
CA THR A 428 5.80 1.04 16.47
C THR A 428 7.04 0.19 16.20
N ILE A 429 8.16 0.56 16.81
CA ILE A 429 9.38 -0.26 16.77
C ILE A 429 9.49 -1.12 18.05
N ALA A 430 9.46 -2.45 17.87
CA ALA A 430 9.75 -3.39 18.95
C ALA A 430 11.17 -3.91 18.81
N ARG A 431 11.80 -4.22 19.96
CA ARG A 431 13.12 -4.84 20.01
C ARG A 431 13.04 -6.20 20.72
N TYR A 432 13.73 -7.19 20.16
CA TYR A 432 13.95 -8.46 20.83
C TYR A 432 15.44 -8.54 21.16
N ASP A 433 15.76 -8.73 22.43
CA ASP A 433 17.13 -8.81 22.95
C ASP A 433 17.40 -10.22 23.49
N PHE A 434 18.19 -10.99 22.74
CA PHE A 434 18.57 -12.36 23.13
C PHE A 434 19.37 -12.41 24.43
N THR A 435 20.16 -11.37 24.71
CA THR A 435 21.01 -11.37 25.90
C THR A 435 20.23 -11.11 27.19
N ALA A 436 19.03 -10.53 27.09
CA ALA A 436 18.21 -10.22 28.26
C ALA A 436 17.61 -11.48 28.90
N PRO A 437 17.07 -11.35 30.13
CA PRO A 437 16.34 -12.48 30.72
C PRO A 437 15.04 -12.80 29.96
N GLU A 438 14.65 -14.08 29.98
CA GLU A 438 13.54 -14.62 29.18
C GLU A 438 12.28 -13.75 29.14
N THR A 439 11.83 -13.35 30.32
CA THR A 439 10.62 -12.54 30.49
C THR A 439 10.78 -11.10 30.01
N GLN A 440 12.01 -10.66 29.74
CA GLN A 440 12.31 -9.27 29.36
C GLN A 440 13.11 -9.15 28.05
N ARG A 441 12.89 -10.06 27.12
CA ARG A 441 13.55 -10.01 25.81
C ARG A 441 12.87 -9.05 24.85
N PHE A 442 11.53 -9.08 24.84
CA PHE A 442 10.72 -8.26 23.97
C PHE A 442 10.39 -6.93 24.65
N SER A 443 10.66 -5.81 23.97
CA SER A 443 10.41 -4.46 24.50
C SER A 443 10.01 -3.50 23.39
N ILE A 444 9.39 -2.39 23.77
CA ILE A 444 8.97 -1.36 22.81
C ILE A 444 10.03 -0.27 22.76
N LEU A 445 10.65 -0.09 21.61
CA LEU A 445 11.63 0.96 21.42
C LEU A 445 10.94 2.32 21.34
N ARG A 446 9.95 2.44 20.46
CA ARG A 446 9.24 3.72 20.30
C ARG A 446 7.87 3.57 19.65
N THR A 447 7.03 4.60 19.85
CA THR A 447 5.68 4.65 19.33
C THR A 447 5.42 5.98 18.60
N THR A 448 4.32 6.02 17.87
CA THR A 448 3.87 7.21 17.16
C THR A 448 3.14 8.17 18.12
N LYS A 449 3.44 9.47 18.00
CA LYS A 449 2.78 10.53 18.78
C LYS A 449 1.88 11.36 17.87
N VAL A 450 0.58 11.35 18.17
CA VAL A 450 -0.41 12.11 17.41
C VAL A 450 -1.25 12.89 18.40
N ASN A 451 -1.50 14.18 18.11
CA ASN A 451 -2.36 14.99 18.96
C ASN A 451 -3.77 14.40 18.96
N GLU A 452 -4.37 14.33 20.15
CA GLU A 452 -5.76 13.90 20.34
C GLU A 452 -6.04 12.43 19.94
N LEU A 453 -5.00 11.61 19.93
CA LEU A 453 -5.12 10.19 19.56
C LEU A 453 -4.00 9.37 20.23
N ASP A 454 -4.40 8.41 21.07
CA ASP A 454 -3.52 7.39 21.60
C ASP A 454 -3.85 6.09 20.87
N PRO A 455 -2.85 5.46 20.23
CA PRO A 455 -3.02 4.12 19.64
C PRO A 455 -3.60 3.05 20.58
N ASP A 456 -3.30 3.13 21.87
CA ASP A 456 -3.80 2.16 22.86
C ASP A 456 -5.29 2.23 23.16
N ASP A 457 -5.96 3.33 22.76
CA ASP A 457 -7.41 3.46 22.96
C ASP A 457 -8.26 2.81 21.88
N PHE A 458 -7.64 2.18 20.88
CA PHE A 458 -8.36 1.65 19.75
C PHE A 458 -8.08 0.16 19.59
N GLU A 459 -9.14 -0.63 19.51
CA GLU A 459 -9.07 -2.10 19.44
C GLU A 459 -9.38 -2.56 18.01
N SER A 460 -8.47 -3.35 17.43
CA SER A 460 -8.71 -3.97 16.12
C SER A 460 -9.07 -5.46 16.31
N THR A 461 -10.24 -5.87 15.82
CA THR A 461 -10.60 -7.30 15.78
C THR A 461 -10.97 -7.73 14.37
N GLN A 462 -11.22 -9.02 14.22
CA GLN A 462 -11.64 -9.62 12.97
C GLN A 462 -12.81 -10.58 13.22
N VAL A 463 -13.91 -10.40 12.49
CA VAL A 463 -15.10 -11.26 12.60
C VAL A 463 -15.42 -11.88 11.24
N TRP A 464 -16.21 -12.95 11.24
CA TRP A 464 -16.58 -13.63 9.99
C TRP A 464 -18.08 -13.61 9.76
N TYR A 465 -18.48 -13.39 8.51
CA TYR A 465 -19.88 -13.38 8.11
C TYR A 465 -20.04 -14.20 6.83
N GLU A 466 -21.28 -14.64 6.58
CA GLU A 466 -21.58 -15.47 5.41
C GLU A 466 -22.19 -14.61 4.33
N SER A 467 -21.60 -14.64 3.14
CA SER A 467 -22.16 -13.96 1.98
C SER A 467 -23.23 -14.82 1.32
N LYS A 468 -23.97 -14.21 0.40
CA LYS A 468 -25.13 -14.81 -0.27
C LYS A 468 -24.94 -16.27 -0.70
N ASP A 469 -23.80 -16.55 -1.32
CA ASP A 469 -23.52 -17.90 -1.81
C ASP A 469 -22.89 -18.87 -0.79
N GLY A 470 -22.83 -18.49 0.49
CA GLY A 470 -22.20 -19.33 1.52
C GLY A 470 -20.73 -19.10 1.80
N THR A 471 -20.08 -18.24 1.02
CA THR A 471 -18.65 -17.98 1.24
C THR A 471 -18.48 -17.20 2.54
N LYS A 472 -17.47 -17.59 3.32
CA LYS A 472 -17.18 -16.96 4.61
C LYS A 472 -16.12 -15.87 4.38
N ILE A 473 -16.46 -14.63 4.69
CA ILE A 473 -15.56 -13.48 4.50
C ILE A 473 -15.17 -12.91 5.87
N PRO A 474 -13.85 -12.71 6.10
CA PRO A 474 -13.43 -12.01 7.32
C PRO A 474 -13.62 -10.52 7.14
N MET A 475 -13.76 -9.81 8.26
CA MET A 475 -13.95 -8.37 8.25
C MET A 475 -13.26 -7.74 9.45
N PHE A 476 -12.48 -6.69 9.21
CA PHE A 476 -11.87 -5.94 10.30
C PHE A 476 -12.89 -5.00 10.94
N ILE A 477 -12.88 -4.96 12.28
CA ILE A 477 -13.68 -4.01 13.05
C ILE A 477 -12.71 -3.23 13.95
N VAL A 478 -12.80 -1.90 13.90
CA VAL A 478 -12.00 -1.00 14.73
C VAL A 478 -12.98 -0.15 15.54
N ARG A 479 -12.65 0.07 16.83
CA ARG A 479 -13.44 0.95 17.69
C ARG A 479 -12.56 1.63 18.73
N HIS A 480 -12.99 2.78 19.22
CA HIS A 480 -12.52 3.31 20.51
C HIS A 480 -12.99 2.29 21.57
N LYS A 481 -12.18 2.10 22.61
CA LYS A 481 -12.43 1.00 23.56
C LYS A 481 -13.66 1.20 24.43
N SER A 482 -14.10 2.44 24.58
CA SER A 482 -15.35 2.77 25.30
C SER A 482 -16.64 2.51 24.51
N THR A 483 -16.54 2.31 23.20
CA THR A 483 -17.71 2.03 22.36
C THR A 483 -18.15 0.58 22.49
N LYS A 484 -19.46 0.36 22.50
CA LYS A 484 -20.02 -0.97 22.74
C LYS A 484 -20.67 -1.55 21.49
N PHE A 485 -20.58 -2.88 21.36
CA PHE A 485 -21.29 -3.62 20.34
C PHE A 485 -22.65 -4.01 20.90
N ASP A 486 -23.55 -3.02 21.00
CA ASP A 486 -24.88 -3.17 21.61
C ASP A 486 -25.98 -2.55 20.72
N GLY A 487 -25.81 -2.65 19.41
CA GLY A 487 -26.78 -2.12 18.44
C GLY A 487 -26.95 -0.62 18.45
N THR A 488 -25.94 0.11 18.96
CA THR A 488 -26.00 1.55 19.19
C THR A 488 -25.13 2.37 18.21
N ALA A 489 -23.92 1.90 17.93
CA ALA A 489 -22.93 2.71 17.20
C ALA A 489 -23.23 2.87 15.72
N ALA A 490 -22.83 4.00 15.16
CA ALA A 490 -22.76 4.17 13.71
C ALA A 490 -21.53 3.43 13.23
N ALA A 491 -21.57 2.94 11.99
CA ALA A 491 -20.46 2.26 11.35
C ALA A 491 -20.07 2.96 10.04
N ILE A 492 -18.77 3.19 9.86
CA ILE A 492 -18.20 3.55 8.57
C ILE A 492 -17.66 2.27 7.95
N GLN A 493 -18.27 1.83 6.85
CA GLN A 493 -17.84 0.62 6.14
C GLN A 493 -17.05 1.03 4.89
N TYR A 494 -15.77 0.70 4.87
CA TYR A 494 -14.88 1.06 3.79
C TYR A 494 -14.65 -0.15 2.92
N GLY A 495 -14.52 0.08 1.62
CA GLY A 495 -14.14 -0.97 0.69
C GLY A 495 -13.42 -0.45 -0.55
N TYR A 496 -12.81 -1.38 -1.28
CA TYR A 496 -12.23 -1.12 -2.59
C TYR A 496 -12.83 -2.09 -3.60
N GLY A 497 -12.58 -3.40 -3.42
CA GLY A 497 -13.33 -4.45 -4.10
C GLY A 497 -12.91 -4.72 -5.53
N GLY A 498 -11.61 -4.87 -5.76
CA GLY A 498 -11.12 -5.13 -7.10
C GLY A 498 -9.61 -5.11 -7.26
N PHE A 499 -9.15 -5.70 -8.37
CA PHE A 499 -7.77 -5.61 -8.87
C PHE A 499 -6.74 -6.34 -8.00
N ALA A 500 -7.21 -7.36 -7.26
CA ALA A 500 -6.38 -8.10 -6.30
C ALA A 500 -5.71 -7.16 -5.27
N THR A 501 -6.36 -6.03 -5.00
CA THR A 501 -5.85 -5.02 -4.10
C THR A 501 -6.55 -5.28 -2.77
N SER A 502 -5.79 -5.76 -1.79
CA SER A 502 -6.36 -6.11 -0.48
C SER A 502 -6.70 -4.87 0.32
N ALA A 503 -7.81 -4.94 1.05
CA ALA A 503 -8.13 -3.93 2.06
C ALA A 503 -7.36 -4.27 3.34
N ASP A 504 -6.05 -4.04 3.32
CA ASP A 504 -5.19 -4.34 4.46
C ASP A 504 -5.40 -3.29 5.54
N PRO A 505 -4.97 -3.57 6.78
CA PRO A 505 -5.02 -2.52 7.79
C PRO A 505 -4.21 -1.29 7.35
N PHE A 506 -4.76 -0.10 7.55
CA PHE A 506 -4.09 1.17 7.24
C PHE A 506 -4.41 2.23 8.30
N PHE A 507 -3.51 3.20 8.46
CA PHE A 507 -3.64 4.23 9.49
C PHE A 507 -4.20 5.53 8.92
N SER A 508 -5.28 6.01 9.52
CA SER A 508 -5.88 7.28 9.16
C SER A 508 -6.31 8.04 10.43
N PRO A 509 -5.60 9.13 10.78
CA PRO A 509 -6.01 10.01 11.89
C PRO A 509 -7.44 10.54 11.75
N ILE A 510 -7.84 10.81 10.51
CA ILE A 510 -9.20 11.27 10.16
C ILE A 510 -10.27 10.28 10.63
N ILE A 511 -10.04 9.00 10.40
CA ILE A 511 -11.01 7.96 10.76
C ILE A 511 -11.05 7.77 12.28
N LEU A 512 -9.87 7.62 12.89
CA LEU A 512 -9.77 7.37 14.33
C LEU A 512 -10.39 8.51 15.13
N THR A 513 -10.09 9.75 14.73
CA THR A 513 -10.73 10.95 15.27
C THR A 513 -12.26 10.87 15.11
N PHE A 514 -12.73 10.42 13.95
CA PHE A 514 -14.17 10.21 13.74
C PHE A 514 -14.76 9.15 14.69
N LEU A 515 -14.05 8.04 14.92
CA LEU A 515 -14.55 6.96 15.79
C LEU A 515 -14.64 7.43 17.24
N GLN A 516 -13.62 8.17 17.66
CA GLN A 516 -13.51 8.72 19.00
C GLN A 516 -14.51 9.84 19.27
N THR A 517 -14.69 10.72 18.28
CA THR A 517 -15.63 11.84 18.36
C THR A 517 -17.09 11.39 18.50
N TYR A 518 -17.54 10.50 17.62
CA TYR A 518 -18.95 10.09 17.55
C TYR A 518 -19.29 8.74 18.19
N GLY A 519 -18.30 8.01 18.69
CA GLY A 519 -18.51 6.65 19.18
C GLY A 519 -18.89 5.68 18.06
N ALA A 520 -18.34 5.90 16.87
CA ALA A 520 -18.64 5.07 15.71
C ALA A 520 -17.60 3.97 15.60
N ILE A 521 -17.83 3.03 14.70
CA ILE A 521 -16.89 1.93 14.44
C ILE A 521 -16.43 1.97 12.98
N PHE A 522 -15.25 1.43 12.70
CA PHE A 522 -14.73 1.30 11.34
C PHE A 522 -14.81 -0.17 10.95
N ALA A 523 -15.38 -0.44 9.77
CA ALA A 523 -15.64 -1.81 9.31
C ALA A 523 -15.01 -2.01 7.94
N VAL A 524 -14.10 -2.97 7.82
CA VAL A 524 -13.32 -3.20 6.60
C VAL A 524 -13.40 -4.67 6.17
N PRO A 525 -14.42 -5.03 5.35
CA PRO A 525 -14.59 -6.43 4.91
C PRO A 525 -13.65 -6.85 3.78
N SER A 526 -13.06 -8.03 3.92
CA SER A 526 -12.11 -8.58 2.97
C SER A 526 -12.83 -9.16 1.74
N ILE A 527 -13.58 -8.31 1.05
CA ILE A 527 -14.51 -8.77 0.02
C ILE A 527 -13.78 -9.33 -1.18
N ARG A 528 -14.43 -10.27 -1.87
CA ARG A 528 -13.89 -10.87 -3.07
C ARG A 528 -13.74 -9.81 -4.17
N GLY A 529 -12.76 -10.04 -5.04
CA GLY A 529 -12.28 -9.01 -5.96
C GLY A 529 -10.95 -8.43 -5.49
N GLY A 530 -10.76 -8.35 -4.18
CA GLY A 530 -9.46 -8.06 -3.61
C GLY A 530 -8.50 -9.25 -3.63
N GLY A 531 -7.32 -9.05 -3.05
CA GLY A 531 -6.25 -10.05 -3.07
C GLY A 531 -6.00 -10.77 -1.76
N GLU A 532 -6.94 -10.63 -0.82
CA GLU A 532 -6.72 -11.05 0.58
C GLU A 532 -6.37 -12.54 0.72
N PHE A 533 -6.94 -13.38 -0.15
CA PHE A 533 -6.60 -14.80 -0.21
C PHE A 533 -6.12 -15.20 -1.61
N GLY A 534 -5.21 -14.40 -2.16
CA GLY A 534 -4.53 -14.73 -3.41
C GLY A 534 -5.38 -14.51 -4.64
N GLU A 535 -4.94 -15.09 -5.75
CA GLU A 535 -5.58 -14.87 -7.06
C GLU A 535 -6.98 -15.51 -7.15
N GLU A 536 -7.21 -16.59 -6.41
CA GLU A 536 -8.56 -17.17 -6.33
C GLU A 536 -9.57 -16.23 -5.66
N TRP A 537 -9.11 -15.41 -4.73
CA TRP A 537 -9.97 -14.42 -4.09
C TRP A 537 -10.35 -13.33 -5.07
N HIS A 538 -9.35 -12.81 -5.78
CA HIS A 538 -9.58 -11.86 -6.88
C HIS A 538 -10.51 -12.47 -7.90
N LYS A 539 -10.17 -13.68 -8.35
CA LYS A 539 -10.96 -14.43 -9.34
C LYS A 539 -12.41 -14.62 -8.90
N GLY A 540 -12.63 -14.83 -7.59
CA GLY A 540 -13.97 -14.97 -7.02
C GLY A 540 -14.88 -13.75 -7.14
N GLY A 541 -14.30 -12.57 -7.38
CA GLY A 541 -15.05 -11.33 -7.60
C GLY A 541 -14.50 -10.53 -8.75
N ARG A 542 -14.59 -11.10 -9.95
CA ARG A 542 -14.00 -10.54 -11.16
C ARG A 542 -14.84 -10.89 -12.38
N ARG A 543 -14.89 -9.96 -13.34
CA ARG A 543 -15.59 -10.16 -14.61
C ARG A 543 -16.97 -10.82 -14.40
N GLU A 544 -17.15 -12.08 -14.82
CA GLU A 544 -18.45 -12.76 -14.65
C GLU A 544 -18.83 -13.03 -13.18
N THR A 545 -17.84 -13.22 -12.30
CA THR A 545 -18.11 -13.37 -10.85
C THR A 545 -18.16 -12.05 -10.06
N LYS A 546 -18.14 -10.91 -10.76
CA LYS A 546 -18.04 -9.60 -10.10
C LYS A 546 -19.19 -9.27 -9.15
N VAL A 547 -20.40 -9.72 -9.48
CA VAL A 547 -21.56 -9.56 -8.58
C VAL A 547 -21.26 -10.02 -7.13
N ASN A 548 -20.41 -11.02 -6.96
CA ASN A 548 -19.97 -11.48 -5.61
C ASN A 548 -19.33 -10.37 -4.78
N THR A 549 -18.54 -9.51 -5.41
CA THR A 549 -17.90 -8.36 -4.76
C THR A 549 -18.94 -7.49 -4.06
N PHE A 550 -20.02 -7.19 -4.80
CA PHE A 550 -21.13 -6.39 -4.29
C PHE A 550 -21.95 -7.13 -3.22
N ASP A 551 -22.19 -8.43 -3.44
CA ASP A 551 -22.93 -9.25 -2.48
C ASP A 551 -22.19 -9.41 -1.16
N ASP A 552 -20.86 -9.54 -1.21
CA ASP A 552 -20.02 -9.59 0.00
C ASP A 552 -20.10 -8.28 0.79
N PHE A 553 -20.00 -7.16 0.07
CA PHE A 553 -20.02 -5.83 0.67
C PHE A 553 -21.38 -5.53 1.32
N ILE A 554 -22.43 -5.87 0.60
CA ILE A 554 -23.81 -5.70 1.08
C ILE A 554 -24.10 -6.61 2.29
N ALA A 555 -23.61 -7.85 2.25
CA ALA A 555 -23.82 -8.82 3.35
C ALA A 555 -23.08 -8.37 4.61
N ALA A 556 -21.92 -7.73 4.43
CA ALA A 556 -21.16 -7.14 5.53
C ALA A 556 -21.99 -6.11 6.34
N ALA A 557 -22.58 -5.15 5.62
CA ALA A 557 -23.43 -4.12 6.23
C ALA A 557 -24.65 -4.71 6.95
N GLN A 558 -25.26 -5.72 6.34
CA GLN A 558 -26.39 -6.45 6.94
C GLN A 558 -25.98 -7.18 8.21
N PHE A 559 -24.81 -7.82 8.18
CA PHE A 559 -24.21 -8.50 9.34
C PHE A 559 -23.89 -7.53 10.49
N LEU A 560 -23.28 -6.39 10.18
CA LEU A 560 -23.01 -5.37 11.18
C LEU A 560 -24.27 -5.06 12.02
N VAL A 561 -25.40 -4.87 11.34
CA VAL A 561 -26.66 -4.52 12.02
C VAL A 561 -27.25 -5.74 12.73
N LYS A 562 -27.31 -6.87 12.03
CA LYS A 562 -27.92 -8.10 12.56
C LYS A 562 -27.28 -8.55 13.88
N ASN A 563 -25.95 -8.52 13.95
CA ASN A 563 -25.20 -8.96 15.12
C ASN A 563 -24.82 -7.84 16.10
N LYS A 564 -25.46 -6.67 15.97
CA LYS A 564 -25.40 -5.58 16.95
C LYS A 564 -24.04 -4.86 17.03
N TYR A 565 -23.28 -4.88 15.94
CA TYR A 565 -22.07 -4.05 15.86
C TYR A 565 -22.47 -2.59 15.66
N ALA A 566 -23.46 -2.37 14.80
CA ALA A 566 -23.96 -1.03 14.50
C ALA A 566 -25.47 -0.97 14.58
N ALA A 567 -26.00 0.24 14.78
CA ALA A 567 -27.44 0.47 14.83
C ALA A 567 -28.06 0.40 13.44
N PRO A 568 -29.37 0.09 13.35
CA PRO A 568 -29.99 -0.01 12.03
C PRO A 568 -30.12 1.38 11.41
N GLY A 569 -29.87 1.47 10.11
CA GLY A 569 -29.87 2.74 9.39
C GLY A 569 -28.65 3.61 9.61
N LYS A 570 -27.62 3.08 10.27
CA LYS A 570 -26.42 3.84 10.66
C LYS A 570 -25.10 3.27 10.11
N VAL A 571 -25.17 2.39 9.12
CA VAL A 571 -23.99 1.98 8.38
C VAL A 571 -23.87 2.92 7.18
N ALA A 572 -22.79 3.70 7.16
CA ALA A 572 -22.43 4.53 6.00
C ALA A 572 -21.33 3.84 5.22
N ILE A 573 -21.34 3.99 3.89
CA ILE A 573 -20.33 3.38 3.03
C ILE A 573 -19.51 4.41 2.25
N ASN A 574 -18.26 4.06 2.02
CA ASN A 574 -17.30 4.96 1.42
C ASN A 574 -16.23 4.17 0.69
N GLY A 575 -15.82 4.65 -0.47
CA GLY A 575 -14.67 4.10 -1.18
C GLY A 575 -14.31 4.99 -2.34
N ALA A 576 -13.12 4.78 -2.91
CA ALA A 576 -12.62 5.65 -3.99
C ALA A 576 -12.12 4.87 -5.21
N SER A 577 -12.26 5.50 -6.39
CA SER A 577 -11.90 4.89 -7.68
C SER A 577 -12.76 3.63 -7.90
N ASN A 578 -12.16 2.43 -7.89
CA ASN A 578 -12.98 1.21 -7.84
C ASN A 578 -13.95 1.15 -6.65
N GLY A 579 -13.54 1.69 -5.50
CA GLY A 579 -14.44 1.87 -4.35
C GLY A 579 -15.64 2.78 -4.57
N GLY A 580 -15.52 3.76 -5.47
CA GLY A 580 -16.66 4.60 -5.87
C GLY A 580 -17.71 3.80 -6.62
N LEU A 581 -17.26 2.97 -7.56
CA LEU A 581 -18.16 2.03 -8.24
C LEU A 581 -18.79 1.07 -7.22
N LEU A 582 -17.99 0.57 -6.28
CA LEU A 582 -18.48 -0.34 -5.23
C LEU A 582 -19.66 0.27 -4.49
N VAL A 583 -19.47 1.51 -4.02
CA VAL A 583 -20.49 2.27 -3.28
C VAL A 583 -21.72 2.54 -4.13
N MET A 584 -21.52 3.06 -5.34
CA MET A 584 -22.65 3.38 -6.25
C MET A 584 -23.45 2.15 -6.65
N GLY A 585 -22.75 1.07 -6.97
CA GLY A 585 -23.41 -0.20 -7.29
C GLY A 585 -24.13 -0.79 -6.11
N SER A 586 -23.54 -0.65 -4.92
CA SER A 586 -24.12 -1.20 -3.70
C SER A 586 -25.44 -0.51 -3.27
N ILE A 587 -25.51 0.83 -3.38
CA ILE A 587 -26.77 1.53 -3.06
C ILE A 587 -27.88 1.25 -4.09
N VAL A 588 -27.49 1.03 -5.34
CA VAL A 588 -28.42 0.51 -6.37
C VAL A 588 -28.97 -0.88 -6.00
N ARG A 589 -28.07 -1.81 -5.70
CA ARG A 589 -28.44 -3.22 -5.49
C ARG A 589 -29.07 -3.52 -4.13
N ALA A 590 -28.41 -3.09 -3.06
CA ALA A 590 -28.82 -3.43 -1.68
C ALA A 590 -30.28 -3.11 -1.41
N PRO A 591 -30.95 -3.94 -0.59
CA PRO A 591 -32.29 -3.60 -0.15
C PRO A 591 -32.39 -2.19 0.45
N GLU A 592 -33.55 -1.56 0.24
CA GLU A 592 -33.86 -0.26 0.81
C GLU A 592 -33.60 -0.25 2.32
N GLY A 593 -32.92 0.79 2.81
CA GLY A 593 -32.60 0.93 4.23
C GLY A 593 -31.40 0.14 4.73
N THR A 594 -30.64 -0.48 3.82
CA THR A 594 -29.41 -1.19 4.18
C THR A 594 -28.31 -0.22 4.61
N PHE A 595 -28.28 0.95 3.98
CA PHE A 595 -27.26 1.96 4.23
C PHE A 595 -27.89 3.25 4.70
N GLY A 596 -27.23 3.93 5.64
CA GLY A 596 -27.66 5.24 6.14
C GLY A 596 -27.10 6.41 5.34
N ALA A 597 -25.89 6.26 4.82
CA ALA A 597 -25.29 7.27 3.97
C ALA A 597 -24.30 6.65 3.01
N ALA A 598 -23.91 7.41 1.99
CA ALA A 598 -23.02 6.91 0.94
C ALA A 598 -22.14 8.02 0.35
N VAL A 599 -20.82 7.83 0.35
CA VAL A 599 -19.91 8.79 -0.25
C VAL A 599 -18.96 8.06 -1.21
N PRO A 600 -19.30 8.04 -2.51
CA PRO A 600 -18.38 7.51 -3.52
C PRO A 600 -17.45 8.61 -4.05
N GLU A 601 -16.15 8.34 -4.11
CA GLU A 601 -15.16 9.34 -4.52
C GLU A 601 -14.52 8.95 -5.84
N GLY A 602 -14.80 9.73 -6.89
CA GLY A 602 -14.18 9.55 -8.21
C GLY A 602 -14.40 8.19 -8.83
N GLY A 603 -15.62 7.69 -8.74
CA GLY A 603 -15.93 6.31 -9.14
C GLY A 603 -16.40 6.14 -10.57
N VAL A 604 -16.14 4.96 -11.13
CA VAL A 604 -16.81 4.51 -12.35
C VAL A 604 -18.30 4.27 -12.00
N ALA A 605 -19.19 4.51 -12.96
CA ALA A 605 -20.65 4.34 -12.77
C ALA A 605 -21.39 3.94 -14.06
N ASP A 606 -21.00 4.50 -15.21
CA ASP A 606 -21.40 3.98 -16.52
C ASP A 606 -20.49 2.80 -16.94
N LEU A 607 -20.92 1.57 -16.63
CA LEU A 607 -20.13 0.34 -16.94
C LEU A 607 -20.26 -0.16 -18.39
N LEU A 608 -21.11 0.50 -19.19
CA LEU A 608 -21.20 0.25 -20.64
C LEU A 608 -20.24 1.08 -21.50
N LYS A 609 -19.82 2.25 -20.99
CA LYS A 609 -18.90 3.15 -21.73
C LYS A 609 -17.51 3.34 -21.12
N PHE A 610 -17.24 2.77 -19.94
CA PHE A 610 -15.99 3.03 -19.19
C PHE A 610 -14.71 2.84 -20.00
N HIS A 611 -14.71 1.83 -20.86
CA HIS A 611 -13.56 1.48 -21.70
C HIS A 611 -13.32 2.43 -22.88
N LYS A 612 -14.26 3.34 -23.16
CA LYS A 612 -14.10 4.36 -24.20
C LYS A 612 -13.48 5.68 -23.73
N PHE A 613 -12.99 5.72 -22.49
CA PHE A 613 -12.39 6.93 -21.90
C PHE A 613 -11.01 6.64 -21.30
N THR A 614 -10.20 7.69 -21.19
CA THR A 614 -8.84 7.68 -20.63
C THR A 614 -8.68 6.77 -19.41
N GLY A 615 -7.78 5.78 -19.54
CA GLY A 615 -7.54 4.78 -18.52
C GLY A 615 -8.61 3.68 -18.44
N GLY A 616 -9.55 3.68 -19.39
CA GLY A 616 -10.67 2.75 -19.35
C GLY A 616 -10.31 1.31 -19.69
N GLN A 617 -9.46 1.13 -20.70
CA GLN A 617 -9.09 -0.21 -21.19
C GLN A 617 -8.54 -1.14 -20.08
N ALA A 618 -7.79 -0.57 -19.15
CA ALA A 618 -7.19 -1.31 -18.03
C ALA A 618 -8.21 -1.93 -17.10
N TRP A 619 -9.44 -1.40 -17.09
CA TRP A 619 -10.52 -1.94 -16.28
C TRP A 619 -11.24 -3.14 -16.93
N ILE A 620 -10.97 -3.43 -18.20
CA ILE A 620 -11.59 -4.57 -18.92
C ILE A 620 -11.31 -5.93 -18.26
N SER A 621 -10.07 -6.13 -17.80
CA SER A 621 -9.71 -7.37 -17.10
C SER A 621 -10.43 -7.54 -15.76
N GLU A 622 -10.97 -6.45 -15.23
CA GLU A 622 -11.70 -6.46 -13.99
C GLU A 622 -13.20 -6.63 -14.19
N TYR A 623 -13.76 -5.95 -15.19
CA TYR A 623 -15.23 -5.95 -15.39
C TYR A 623 -15.72 -6.63 -16.65
N GLY A 624 -14.81 -7.03 -17.53
CA GLY A 624 -15.21 -7.54 -18.83
C GLY A 624 -15.32 -6.41 -19.83
N ASN A 625 -15.48 -6.80 -21.09
CA ASN A 625 -15.56 -5.89 -22.21
C ASN A 625 -17.04 -5.76 -22.61
N PRO A 626 -17.64 -4.56 -22.44
CA PRO A 626 -19.05 -4.39 -22.87
C PRO A 626 -19.31 -4.57 -24.37
N SER A 627 -18.29 -4.44 -25.22
CA SER A 627 -18.44 -4.64 -26.67
C SER A 627 -18.55 -6.12 -27.05
N ILE A 628 -18.18 -7.02 -26.13
CA ILE A 628 -18.29 -8.47 -26.34
C ILE A 628 -19.68 -8.92 -25.85
N PRO A 629 -20.52 -9.47 -26.76
CA PRO A 629 -21.92 -9.80 -26.43
C PRO A 629 -22.16 -10.60 -25.16
N GLU A 630 -21.32 -11.60 -24.89
CA GLU A 630 -21.51 -12.47 -23.73
C GLU A 630 -21.15 -11.74 -22.44
N GLU A 631 -20.26 -10.76 -22.54
CA GLU A 631 -19.78 -10.03 -21.38
C GLU A 631 -20.72 -8.88 -21.04
N PHE A 632 -21.20 -8.18 -22.07
CA PHE A 632 -22.31 -7.22 -21.95
C PHE A 632 -23.45 -7.77 -21.05
N ASP A 633 -23.81 -9.03 -21.26
CA ASP A 633 -24.92 -9.66 -20.54
C ASP A 633 -24.75 -9.78 -19.01
N TYR A 634 -23.51 -9.89 -18.54
CA TYR A 634 -23.24 -9.82 -17.08
C TYR A 634 -22.80 -8.45 -16.58
N ILE A 635 -22.38 -7.57 -17.48
CA ILE A 635 -22.00 -6.20 -17.15
C ILE A 635 -23.24 -5.33 -16.94
N TYR A 636 -24.14 -5.32 -17.94
CA TYR A 636 -25.32 -4.44 -17.91
C TYR A 636 -26.13 -4.46 -16.59
N PRO A 637 -26.41 -5.66 -16.03
CA PRO A 637 -27.13 -5.70 -14.74
C PRO A 637 -26.37 -5.14 -13.53
N LEU A 638 -25.04 -5.00 -13.63
CA LEU A 638 -24.23 -4.32 -12.60
C LEU A 638 -24.07 -2.81 -12.77
N SER A 639 -24.30 -2.27 -13.97
CA SER A 639 -23.99 -0.87 -14.26
C SER A 639 -24.83 0.09 -13.40
N PRO A 640 -24.19 0.86 -12.49
CA PRO A 640 -25.03 1.74 -11.66
C PRO A 640 -25.90 2.73 -12.44
N VAL A 641 -25.35 3.31 -13.50
CA VAL A 641 -26.07 4.25 -14.37
C VAL A 641 -27.29 3.66 -15.07
N HIS A 642 -27.35 2.33 -15.23
CA HIS A 642 -28.45 1.65 -15.93
C HIS A 642 -29.37 0.81 -15.04
N ASN A 643 -29.25 0.96 -13.71
CA ASN A 643 -30.03 0.14 -12.76
C ASN A 643 -30.60 0.93 -11.58
N VAL A 644 -30.81 2.24 -11.77
CA VAL A 644 -31.36 3.12 -10.75
C VAL A 644 -32.86 3.03 -10.85
N ARG A 645 -33.50 2.50 -9.81
CA ARG A 645 -34.95 2.32 -9.79
C ARG A 645 -35.68 3.60 -9.37
N THR A 646 -36.97 3.68 -9.72
CA THR A 646 -37.85 4.77 -9.27
C THR A 646 -38.47 4.51 -7.89
N ASP A 647 -38.51 3.26 -7.45
CA ASP A 647 -39.37 2.84 -6.33
C ASP A 647 -38.63 2.43 -5.06
N LYS A 648 -37.35 2.77 -4.96
CA LYS A 648 -36.54 2.56 -3.76
C LYS A 648 -36.00 3.89 -3.23
N VAL A 649 -36.14 4.11 -1.93
CA VAL A 649 -35.49 5.24 -1.26
C VAL A 649 -34.00 4.97 -1.20
N MET A 650 -33.21 5.94 -1.70
CA MET A 650 -31.76 5.89 -1.63
C MET A 650 -31.31 6.57 -0.35
N PRO A 651 -30.17 6.14 0.22
CA PRO A 651 -29.63 6.79 1.41
C PRO A 651 -29.02 8.14 1.04
N ALA A 652 -28.92 9.03 2.02
CA ALA A 652 -28.24 10.32 1.82
C ALA A 652 -26.93 10.08 1.07
N THR A 653 -26.73 10.78 -0.04
CA THR A 653 -25.59 10.49 -0.91
C THR A 653 -24.85 11.77 -1.33
N LEU A 654 -23.59 11.87 -0.92
CA LEU A 654 -22.68 12.94 -1.37
C LEU A 654 -21.61 12.32 -2.26
N ILE A 655 -21.77 12.52 -3.56
CA ILE A 655 -20.81 12.05 -4.56
C ILE A 655 -19.65 13.06 -4.66
N THR A 656 -18.43 12.53 -4.73
CA THR A 656 -17.22 13.32 -4.70
C THR A 656 -16.43 13.09 -6.00
N VAL A 657 -15.95 14.17 -6.62
CA VAL A 657 -14.97 14.06 -7.72
C VAL A 657 -13.86 15.11 -7.55
N ASN A 658 -12.63 14.68 -7.81
CA ASN A 658 -11.47 15.59 -7.88
C ASN A 658 -11.21 15.91 -9.35
N ILE A 659 -11.67 17.08 -9.79
CA ILE A 659 -11.54 17.50 -11.20
C ILE A 659 -10.07 17.55 -11.66
N GLY A 660 -9.16 17.85 -10.74
CA GLY A 660 -7.74 17.79 -11.03
C GLY A 660 -7.17 16.40 -11.28
N ASP A 661 -7.80 15.36 -10.74
CA ASP A 661 -7.27 13.99 -10.77
C ASP A 661 -7.72 13.22 -12.03
N GLY A 662 -6.80 13.12 -13.00
CA GLY A 662 -7.06 12.46 -14.30
C GLY A 662 -7.70 11.08 -14.23
N ARG A 663 -7.12 10.21 -13.39
CA ARG A 663 -7.64 8.85 -13.11
C ARG A 663 -8.91 8.44 -13.89
N VAL A 664 -10.06 8.78 -13.31
CA VAL A 664 -11.37 8.36 -13.76
C VAL A 664 -12.08 9.64 -14.16
N VAL A 665 -12.62 9.64 -15.38
CA VAL A 665 -13.32 10.81 -15.91
C VAL A 665 -14.56 11.11 -15.06
N PRO A 666 -14.78 12.39 -14.70
CA PRO A 666 -15.90 12.76 -13.82
C PRO A 666 -17.30 12.55 -14.42
N MET A 667 -17.35 12.41 -15.75
CA MET A 667 -18.50 11.91 -16.52
C MET A 667 -19.32 10.83 -15.81
N HIS A 668 -18.64 9.84 -15.24
CA HIS A 668 -19.28 8.71 -14.55
C HIS A 668 -20.19 9.21 -13.40
N SER A 669 -19.61 10.03 -12.52
CA SER A 669 -20.34 10.62 -11.39
C SER A 669 -21.44 11.58 -11.84
N PHE A 670 -21.16 12.40 -12.86
CA PHE A 670 -22.15 13.36 -13.39
C PHE A 670 -23.40 12.63 -13.91
N LYS A 671 -23.19 11.58 -14.70
CA LYS A 671 -24.28 10.77 -15.21
C LYS A 671 -25.08 10.12 -14.09
N PHE A 672 -24.39 9.52 -13.13
CA PHE A 672 -25.07 8.84 -12.01
C PHE A 672 -25.90 9.78 -11.13
N ILE A 673 -25.38 10.97 -10.82
CA ILE A 673 -26.12 11.91 -10.00
C ILE A 673 -27.31 12.49 -10.75
N ALA A 674 -27.14 12.73 -12.05
CA ALA A 674 -28.23 13.17 -12.90
C ALA A 674 -29.33 12.12 -12.98
N THR A 675 -28.93 10.84 -13.03
CA THR A 675 -29.88 9.73 -13.09
C THR A 675 -30.69 9.57 -11.79
N LEU A 676 -30.01 9.68 -10.65
CA LEU A 676 -30.67 9.61 -9.33
C LEU A 676 -31.68 10.73 -9.14
N GLN A 677 -31.23 11.97 -9.38
CA GLN A 677 -32.08 13.16 -9.29
C GLN A 677 -33.30 13.12 -10.22
N HIS A 678 -33.17 12.45 -11.37
CA HIS A 678 -34.28 12.23 -12.27
C HIS A 678 -35.23 11.08 -11.84
N ASN A 679 -34.65 9.99 -11.35
CA ASN A 679 -35.44 8.79 -11.00
C ASN A 679 -36.10 8.84 -9.64
N VAL A 680 -35.49 9.57 -8.68
CA VAL A 680 -36.08 9.73 -7.34
C VAL A 680 -36.00 11.21 -6.90
N PRO A 681 -36.73 12.09 -7.61
CA PRO A 681 -36.67 13.52 -7.26
C PRO A 681 -37.21 13.82 -5.84
N GLN A 682 -38.21 13.07 -5.40
CA GLN A 682 -38.79 13.27 -4.07
C GLN A 682 -38.18 12.33 -3.01
N ASN A 683 -36.98 11.81 -3.27
CA ASN A 683 -36.25 10.99 -2.30
C ASN A 683 -36.14 11.76 -0.96
N PRO A 684 -36.47 11.09 0.17
CA PRO A 684 -36.42 11.78 1.48
C PRO A 684 -35.08 12.41 1.82
N HIS A 685 -33.99 11.73 1.44
CA HIS A 685 -32.64 12.18 1.77
C HIS A 685 -31.99 12.87 0.56
N PRO A 686 -31.09 13.84 0.82
CA PRO A 686 -30.47 14.57 -0.28
C PRO A 686 -29.47 13.71 -1.06
N LEU A 687 -29.54 13.83 -2.39
CA LEU A 687 -28.66 13.15 -3.30
C LEU A 687 -27.91 14.25 -4.05
N LEU A 688 -26.62 14.40 -3.74
CA LEU A 688 -25.83 15.59 -4.15
C LEU A 688 -24.48 15.19 -4.70
N ILE A 689 -23.89 16.09 -5.49
CA ILE A 689 -22.51 15.93 -5.97
C ILE A 689 -21.68 17.17 -5.62
N LYS A 690 -20.45 16.92 -5.16
CA LYS A 690 -19.50 17.92 -4.68
C LYS A 690 -18.21 17.84 -5.50
N ILE A 691 -17.62 18.99 -5.81
CA ILE A 691 -16.32 19.07 -6.48
C ILE A 691 -15.24 19.39 -5.44
N ASP A 692 -14.21 18.55 -5.34
CA ASP A 692 -13.17 18.71 -4.32
C ASP A 692 -12.42 20.04 -4.46
N LYS A 693 -12.31 20.75 -3.34
CA LYS A 693 -11.66 22.06 -3.30
C LYS A 693 -10.15 21.97 -3.48
N SER A 694 -9.57 20.82 -3.14
CA SER A 694 -8.13 20.58 -3.21
C SER A 694 -7.82 19.58 -4.31
N TRP A 695 -6.98 19.99 -5.27
CA TRP A 695 -6.55 19.10 -6.37
C TRP A 695 -5.14 18.60 -6.09
N THR A 704 -2.32 21.57 7.13
CA THR A 704 -3.32 21.60 8.20
C THR A 704 -4.58 22.34 7.73
N ASP A 705 -4.40 23.62 7.41
CA ASP A 705 -5.52 24.56 7.16
C ASP A 705 -6.41 24.14 5.98
N LYS A 706 -5.79 23.98 4.80
CA LYS A 706 -6.50 23.72 3.55
C LYS A 706 -6.56 22.24 3.15
N ASN A 707 -6.03 21.35 4.00
CA ASN A 707 -5.91 19.94 3.64
C ASN A 707 -6.99 19.03 4.22
N VAL A 708 -7.78 19.53 5.19
CA VAL A 708 -8.89 18.75 5.78
C VAL A 708 -10.29 19.25 5.37
N LYS A 709 -10.36 20.09 4.34
CA LYS A 709 -11.63 20.73 3.97
C LYS A 709 -12.56 19.71 3.32
N ASP A 710 -12.02 18.94 2.36
CA ASP A 710 -12.79 17.91 1.69
C ASP A 710 -13.19 16.79 2.65
N ALA A 711 -12.28 16.40 3.53
CA ALA A 711 -12.55 15.35 4.52
C ALA A 711 -13.62 15.78 5.54
N ALA A 712 -13.62 17.06 5.91
CA ALA A 712 -14.60 17.58 6.87
C ALA A 712 -16.01 17.59 6.27
N ASP A 713 -16.14 18.11 5.04
CA ASP A 713 -17.40 18.06 4.29
C ASP A 713 -17.94 16.62 4.23
N LYS A 714 -17.06 15.71 3.87
CA LYS A 714 -17.39 14.30 3.66
C LYS A 714 -17.89 13.62 4.96
N TRP A 715 -17.07 13.68 6.01
CA TRP A 715 -17.39 12.99 7.28
C TRP A 715 -18.52 13.67 8.04
N GLY A 716 -18.57 15.00 7.97
CA GLY A 716 -19.71 15.77 8.46
C GLY A 716 -21.03 15.53 7.75
N PHE A 717 -21.00 15.35 6.42
CA PHE A 717 -22.22 14.95 5.67
C PHE A 717 -22.77 13.63 6.20
N ILE A 718 -21.86 12.68 6.44
CA ILE A 718 -22.22 11.34 6.94
C ILE A 718 -22.80 11.40 8.36
N ALA A 719 -22.14 12.15 9.25
CA ALA A 719 -22.59 12.26 10.64
C ALA A 719 -24.01 12.82 10.76
N ARG A 720 -24.25 13.93 10.07
CA ARG A 720 -25.59 14.54 10.00
C ARG A 720 -26.61 13.60 9.37
N ALA A 721 -26.25 12.99 8.24
CA ALA A 721 -27.12 12.00 7.57
C ALA A 721 -27.49 10.79 8.46
N LEU A 722 -26.58 10.39 9.35
CA LEU A 722 -26.82 9.34 10.34
C LEU A 722 -27.35 9.84 11.71
N GLY A 723 -27.57 11.14 11.85
CA GLY A 723 -28.13 11.71 13.07
C GLY A 723 -27.19 11.59 14.26
N LEU A 724 -25.96 12.07 14.07
CA LEU A 724 -24.93 12.04 15.10
C LEU A 724 -24.59 13.47 15.51
N GLU A 725 -24.60 13.74 16.81
CA GLU A 725 -24.34 15.07 17.35
C GLU A 725 -22.94 15.17 17.97
N LEU A 726 -22.41 16.39 18.03
CA LEU A 726 -21.20 16.69 18.80
C LEU A 726 -21.58 17.24 20.16
C1 GOL B . 8.44 -20.02 7.53
O1 GOL B . 9.77 -20.15 7.00
C2 GOL B . 8.42 -19.28 8.86
O2 GOL B . 9.76 -19.16 9.34
C3 GOL B . 7.72 -17.91 8.71
O3 GOL B . 7.15 -17.40 9.93
C1 GOL C . -4.60 -2.77 17.71
O1 GOL C . -5.61 -1.74 17.65
C2 GOL C . -4.76 -3.65 18.95
O2 GOL C . -6.09 -4.21 18.96
C3 GOL C . -3.72 -4.78 19.05
O3 GOL C . -2.87 -4.89 17.89
#